data_5HR7
#
_entry.id   5HR7
#
_cell.length_a   90.717
_cell.length_b   70.383
_cell.length_c   151.810
_cell.angle_alpha   90.000
_cell.angle_beta   90.110
_cell.angle_gamma   90.000
#
_symmetry.space_group_name_H-M   'P 1 21 1'
#
loop_
_entity.id
_entity.type
_entity.pdbx_description
1 polymer 'tRNA Glu'
2 polymer 'Dual-specificity RNA methyltransferase RlmN'
3 non-polymer 'MAGNESIUM ION'
4 non-polymer 'IRON/SULFUR CLUSTER'
5 non-polymer "5'-DEOXYADENOSINE"
6 non-polymer METHIONINE
7 water water
#
loop_
_entity_poly.entity_id
_entity_poly.type
_entity_poly.pdbx_seq_one_letter_code
_entity_poly.pdbx_strand_id
1 'polyribonucleotide' GUCCCCUUCGUCUAGAGGCCCAGGACACCGCCCUUUCACGGCGGUAACAGGGGUUCGAAUCCCCUAGGGGACGCCA D,C
2 'polypeptide(L)'
;MSEQLVTPENVTTKDGKINLLDLNRQQMREFFKDLGEKPFRADQVMKWMYHY(CAS)CDNFDEMTDINKVLRGKLKEVAE
IRAPEVVEEQRSSDGTIKWAIAVGDQRVETVYIPEDDRATLAVSSQVGCALECKFCSTAQQGFNRNLRVSEIIGQVWRAA
KIVGAAKVTGQRPITNVVMMGMGEPLLNLNNVVPAMEIMLDDFGFGLSKRRVTLSTSGVVPALDKLGDMIDVALAISLHA
PNDEIRDEIVPINKKYNIETFLAAVRRYLEKSNANQGRVTIEYVMLDHVNDGTEHAHQLAELLKDTPCKINLIPWNPFPG
APYGRSSNSRIDRFSKVLMSYGFTTIVRKTRGDDIDAA(SMC)GQLAGDVIDRTKRTLRKRMQGEAIDIKAVGNSSSVDK
LAAALEHHHHHH
;
B,A
#
# COMPACT_ATOMS: atom_id res chain seq x y z
N GLY C 16 10.80 43.97 -6.29
CA GLY C 16 9.33 43.78 -6.06
C GLY C 16 8.75 42.59 -6.81
N LYS C 17 9.42 41.45 -6.71
CA LYS C 17 8.94 40.20 -7.30
C LYS C 17 7.74 39.66 -6.50
N ILE C 18 6.84 38.97 -7.19
CA ILE C 18 5.70 38.36 -6.52
C ILE C 18 6.06 36.97 -5.99
N ASN C 19 5.80 36.76 -4.70
CA ASN C 19 6.04 35.47 -4.05
C ASN C 19 4.83 34.57 -4.31
N LEU C 20 5.08 33.42 -4.93
CA LEU C 20 3.99 32.51 -5.30
C LEU C 20 3.39 31.80 -4.07
N LEU C 21 4.15 31.73 -2.99
CA LEU C 21 3.64 31.18 -1.73
C LEU C 21 2.57 32.04 -1.06
N ASP C 22 2.37 33.27 -1.53
CA ASP C 22 1.28 34.12 -1.04
C ASP C 22 -0.05 33.84 -1.74
N LEU C 23 -0.03 33.06 -2.82
CA LEU C 23 -1.21 32.89 -3.67
C LEU C 23 -1.87 31.52 -3.53
N ASN C 24 -3.19 31.50 -3.39
CA ASN C 24 -3.96 30.28 -3.51
C ASN C 24 -4.21 29.99 -4.99
N ARG C 25 -4.95 28.92 -5.29
CA ARG C 25 -5.24 28.51 -6.66
C ARG C 25 -5.81 29.65 -7.50
N GLN C 26 -6.97 30.18 -7.08
CA GLN C 26 -7.67 31.24 -7.79
C GLN C 26 -6.76 32.42 -8.12
N GLN C 27 -6.06 32.91 -7.10
CA GLN C 27 -5.16 34.04 -7.26
C GLN C 27 -4.01 33.72 -8.21
N MET C 28 -3.56 32.46 -8.23
CA MET C 28 -2.50 32.06 -9.15
C MET C 28 -3.00 31.86 -10.59
N ARG C 29 -4.29 31.56 -10.76
CA ARG C 29 -4.88 31.51 -12.10
C ARG C 29 -4.90 32.92 -12.68
N GLU C 30 -5.44 33.87 -11.92
CA GLU C 30 -5.51 35.26 -12.34
C GLU C 30 -4.12 35.90 -12.50
N PHE C 31 -3.14 35.39 -11.78
CA PHE C 31 -1.74 35.76 -11.99
C PHE C 31 -1.27 35.31 -13.38
N PHE C 32 -1.61 34.06 -13.73
CA PHE C 32 -1.22 33.50 -15.02
C PHE C 32 -2.08 34.03 -16.18
N LYS C 33 -3.30 34.48 -15.90
CA LYS C 33 -4.13 35.14 -16.92
C LYS C 33 -3.51 36.48 -17.33
N ASP C 34 -2.91 37.18 -16.36
CA ASP C 34 -1.98 38.27 -16.68
C ASP C 34 -0.72 37.63 -17.26
N LEU C 35 0.06 38.40 -17.99
CA LEU C 35 1.19 37.87 -18.79
C LEU C 35 0.81 36.70 -19.74
N GLY C 36 -0.46 36.67 -20.15
CA GLY C 36 -0.94 35.76 -21.20
C GLY C 36 -0.54 34.30 -21.11
N GLU C 37 -1.07 33.59 -20.12
CA GLU C 37 -0.91 32.13 -20.02
C GLU C 37 -2.24 31.51 -19.61
N LYS C 38 -2.36 30.21 -19.78
CA LYS C 38 -3.62 29.52 -19.51
C LYS C 38 -3.68 28.96 -18.08
N PRO C 39 -4.90 28.85 -17.52
CA PRO C 39 -5.15 28.39 -16.14
C PRO C 39 -4.39 27.16 -15.67
N PHE C 40 -4.16 26.20 -16.57
CA PHE C 40 -3.50 24.94 -16.21
C PHE C 40 -2.06 25.12 -15.75
N ARG C 41 -1.44 26.26 -16.07
CA ARG C 41 -0.09 26.59 -15.59
C ARG C 41 -0.06 26.72 -14.07
N ALA C 42 -1.12 27.31 -13.51
CA ALA C 42 -1.28 27.39 -12.06
C ALA C 42 -1.13 25.99 -11.45
N ASP C 43 -1.87 25.03 -12.00
CA ASP C 43 -1.86 23.65 -11.50
C ASP C 43 -0.46 23.04 -11.55
N GLN C 44 0.23 23.24 -12.68
CA GLN C 44 1.57 22.68 -12.89
C GLN C 44 2.58 23.18 -11.86
N VAL C 45 2.60 24.49 -11.65
CA VAL C 45 3.60 25.10 -10.78
C VAL C 45 3.35 24.76 -9.31
N MET C 46 2.10 24.82 -8.87
CA MET C 46 1.74 24.45 -7.50
C MET C 46 2.15 23.00 -7.21
N LYS C 47 1.94 22.11 -8.17
CA LYS C 47 2.40 20.73 -8.05
C LYS C 47 3.91 20.68 -7.80
N TRP C 48 4.68 21.41 -8.58
CA TRP C 48 6.13 21.47 -8.34
C TRP C 48 6.40 22.05 -6.95
N MET C 49 5.75 23.17 -6.64
CA MET C 49 5.96 23.86 -5.36
C MET C 49 5.60 23.00 -4.15
N TYR C 50 4.45 22.34 -4.20
CA TYR C 50 3.91 21.70 -3.01
C TYR C 50 4.07 20.17 -2.98
N HIS C 51 3.88 19.49 -4.12
CA HIS C 51 4.14 18.04 -4.19
C HIS C 51 5.63 17.72 -4.11
N TYR C 52 6.48 18.63 -4.58
CA TYR C 52 7.91 18.37 -4.67
C TYR C 52 8.80 19.34 -3.89
N CYS C 54 9.54 22.49 -4.39
CA CYS C 54 10.42 23.12 -5.39
C CYS C 54 10.38 24.63 -5.28
N ASP C 55 11.55 25.26 -5.18
CA ASP C 55 11.66 26.71 -5.10
C ASP C 55 12.40 27.31 -6.31
N ASN C 56 12.67 26.48 -7.31
CA ASN C 56 13.52 26.86 -8.44
C ASN C 56 12.85 26.54 -9.77
N PHE C 57 12.53 27.59 -10.53
CA PHE C 57 11.81 27.44 -11.80
C PHE C 57 12.55 26.57 -12.82
N ASP C 58 13.89 26.60 -12.78
CA ASP C 58 14.70 25.78 -13.68
C ASP C 58 14.30 24.30 -13.65
N GLU C 59 13.89 23.81 -12.48
CA GLU C 59 13.58 22.39 -12.29
C GLU C 59 12.20 21.96 -12.83
N MET C 60 11.38 22.93 -13.26
CA MET C 60 10.00 22.63 -13.67
C MET C 60 9.93 22.16 -15.13
N THR C 61 10.12 20.87 -15.34
CA THR C 61 10.13 20.23 -16.66
C THR C 61 8.81 20.36 -17.42
N ASP C 62 7.70 20.47 -16.71
CA ASP C 62 6.37 20.63 -17.31
C ASP C 62 6.24 21.84 -18.24
N ILE C 63 7.11 22.84 -18.05
CA ILE C 63 6.96 24.15 -18.68
C ILE C 63 8.11 24.46 -19.63
N ASN C 64 7.78 25.08 -20.77
CA ASN C 64 8.78 25.47 -21.77
C ASN C 64 9.78 26.51 -21.23
N LYS C 65 11.02 26.44 -21.71
CA LYS C 65 12.11 27.27 -21.19
C LYS C 65 11.87 28.78 -21.31
N VAL C 66 11.01 29.20 -22.23
CA VAL C 66 10.68 30.62 -22.39
C VAL C 66 9.89 31.11 -21.18
N LEU C 67 8.83 30.39 -20.84
CA LEU C 67 7.96 30.75 -19.71
C LEU C 67 8.65 30.58 -18.35
N ARG C 68 9.68 29.74 -18.27
CA ARG C 68 10.45 29.57 -17.03
C ARG C 68 11.33 30.79 -16.78
N GLY C 69 12.05 31.22 -17.81
CA GLY C 69 12.86 32.43 -17.75
C GLY C 69 12.01 33.66 -17.46
N LYS C 70 10.78 33.67 -17.96
CA LYS C 70 9.81 34.74 -17.70
C LYS C 70 9.39 34.80 -16.23
N LEU C 71 9.21 33.64 -15.60
CA LEU C 71 8.81 33.56 -14.18
C LEU C 71 9.91 34.08 -13.26
N LYS C 72 11.17 33.76 -13.58
CA LYS C 72 12.31 34.30 -12.83
C LYS C 72 12.30 35.83 -12.79
N GLU C 73 11.84 36.45 -13.87
CA GLU C 73 11.81 37.91 -13.97
C GLU C 73 10.77 38.53 -13.04
N VAL C 74 9.58 37.94 -13.02
CA VAL C 74 8.44 38.54 -12.31
C VAL C 74 8.08 37.88 -10.98
N ALA C 75 8.59 36.67 -10.72
CA ALA C 75 8.17 35.88 -9.57
C ALA C 75 9.29 35.17 -8.84
N GLU C 76 8.97 34.66 -7.65
CA GLU C 76 9.90 33.89 -6.83
C GLU C 76 9.11 32.95 -5.90
N ILE C 77 9.80 31.94 -5.39
CA ILE C 77 9.23 31.03 -4.40
C ILE C 77 10.10 31.13 -3.15
N ARG C 78 9.64 31.92 -2.18
CA ARG C 78 10.46 32.25 -1.01
C ARG C 78 9.72 31.93 0.29
N ALA C 79 10.10 30.81 0.90
CA ALA C 79 9.59 30.44 2.23
C ALA C 79 10.52 31.03 3.28
N PRO C 80 9.99 31.35 4.48
CA PRO C 80 10.84 31.88 5.55
C PRO C 80 11.93 30.89 5.96
N GLU C 81 13.08 31.43 6.36
CA GLU C 81 14.26 30.63 6.69
C GLU C 81 14.05 29.96 8.03
N VAL C 82 14.47 28.70 8.13
CA VAL C 82 14.56 28.02 9.41
C VAL C 82 15.87 28.44 10.06
N VAL C 83 15.79 28.98 11.27
CA VAL C 83 16.96 29.49 11.97
C VAL C 83 17.30 28.66 13.22
N GLU C 84 16.45 27.68 13.57
CA GLU C 84 16.75 26.81 14.70
C GLU C 84 15.94 25.51 14.60
N GLU C 85 16.53 24.45 15.13
CA GLU C 85 15.85 23.18 15.21
C GLU C 85 16.14 22.56 16.56
N GLN C 86 15.10 22.00 17.19
CA GLN C 86 15.26 21.26 18.44
C GLN C 86 14.45 20.00 18.33
N ARG C 87 14.99 18.91 18.87
CA ARG C 87 14.36 17.60 18.82
C ARG C 87 14.07 17.12 20.23
N SER C 88 12.82 16.72 20.47
CA SER C 88 12.41 16.20 21.76
C SER C 88 12.77 14.74 21.87
N SER C 89 12.88 14.25 23.10
CA SER C 89 13.08 12.82 23.32
C SER C 89 11.90 11.96 22.84
N ASP C 90 10.71 12.56 22.70
CA ASP C 90 9.53 11.82 22.21
C ASP C 90 9.33 11.88 20.69
N GLY C 91 10.22 12.58 19.97
CA GLY C 91 10.15 12.64 18.51
C GLY C 91 9.67 13.97 17.95
N THR C 92 9.13 14.83 18.82
CA THR C 92 8.65 16.14 18.43
C THR C 92 9.80 17.02 17.97
N ILE C 93 9.56 17.81 16.93
CA ILE C 93 10.57 18.73 16.42
C ILE C 93 10.01 20.15 16.38
N LYS C 94 10.80 21.11 16.87
CA LYS C 94 10.42 22.51 16.83
C LYS C 94 11.42 23.32 16.00
N TRP C 95 10.90 24.02 14.99
CA TRP C 95 11.69 24.91 14.18
C TRP C 95 11.33 26.35 14.47
N ALA C 96 12.33 27.19 14.69
CA ALA C 96 12.14 28.62 14.69
C ALA C 96 12.29 29.09 13.25
N ILE C 97 11.38 29.95 12.80
CA ILE C 97 11.45 30.50 11.45
C ILE C 97 11.61 32.02 11.49
N ALA C 98 12.48 32.55 10.63
CA ALA C 98 12.81 33.97 10.61
C ALA C 98 11.69 34.74 9.95
N VAL C 99 11.20 35.75 10.67
CA VAL C 99 10.14 36.59 10.19
C VAL C 99 10.62 38.01 10.44
N GLY C 100 11.21 38.61 9.41
CA GLY C 100 11.96 39.85 9.57
C GLY C 100 13.01 39.70 10.65
N ASP C 101 13.03 40.63 11.59
CA ASP C 101 13.92 40.58 12.75
C ASP C 101 13.35 39.70 13.87
N GLN C 102 12.14 39.18 13.66
CA GLN C 102 11.44 38.40 14.67
C GLN C 102 11.36 36.92 14.30
N ARG C 103 10.77 36.12 15.20
CA ARG C 103 10.66 34.68 14.98
C ARG C 103 9.34 34.10 15.49
N VAL C 104 8.84 33.10 14.76
CA VAL C 104 7.74 32.26 15.22
C VAL C 104 8.16 30.80 15.13
N GLU C 105 7.35 29.92 15.72
CA GLU C 105 7.70 28.52 15.87
C GLU C 105 6.73 27.64 15.07
N THR C 106 7.22 26.46 14.70
CA THR C 106 6.42 25.45 14.04
C THR C 106 6.80 24.12 14.68
N VAL C 107 5.83 23.25 14.90
CA VAL C 107 6.06 22.03 15.67
C VAL C 107 5.55 20.81 14.91
N TYR C 108 6.43 19.84 14.72
CA TYR C 108 6.11 18.61 14.02
C TYR C 108 5.90 17.53 15.07
N ILE C 109 4.81 16.76 14.94
CA ILE C 109 4.42 15.80 15.98
C ILE C 109 4.16 14.43 15.38
N PRO C 110 5.17 13.54 15.44
CA PRO C 110 5.02 12.20 14.88
C PRO C 110 4.22 11.28 15.79
N GLU C 111 3.28 10.56 15.21
CA GLU C 111 2.48 9.58 15.93
C GLU C 111 2.58 8.27 15.14
N ASP C 112 2.02 7.18 15.65
CA ASP C 112 2.14 5.87 15.00
C ASP C 112 1.55 5.85 13.59
N ASP C 113 0.33 6.34 13.45
CA ASP C 113 -0.42 6.23 12.19
C ASP C 113 -0.56 7.56 11.45
N ARG C 114 0.09 8.62 11.95
CA ARG C 114 -0.06 9.95 11.36
C ARG C 114 1.05 10.88 11.83
N ALA C 115 1.12 12.05 11.22
CA ALA C 115 2.06 13.08 11.64
C ALA C 115 1.39 14.43 11.50
N THR C 116 1.57 15.29 12.50
CA THR C 116 0.82 16.53 12.61
C THR C 116 1.77 17.72 12.72
N LEU C 117 1.40 18.83 12.08
CA LEU C 117 2.18 20.08 12.19
C LEU C 117 1.34 21.18 12.86
N ALA C 118 1.86 21.71 13.96
CA ALA C 118 1.29 22.89 14.60
C ALA C 118 1.92 24.13 13.97
N VAL C 119 1.06 25.00 13.44
CA VAL C 119 1.47 26.18 12.68
C VAL C 119 1.07 27.45 13.43
N SER C 120 1.94 28.47 13.39
CA SER C 120 1.66 29.79 13.96
C SER C 120 0.91 30.68 12.96
N SER C 121 0.04 31.56 13.47
CA SER C 121 -0.75 32.48 12.66
C SER C 121 -0.37 33.95 12.83
N GLN C 122 0.24 34.28 13.97
CA GLN C 122 0.61 35.65 14.27
C GLN C 122 1.97 35.69 14.97
N VAL C 123 2.63 36.84 14.87
CA VAL C 123 3.88 37.07 15.57
C VAL C 123 3.50 37.48 17.00
N GLY C 124 3.41 36.48 17.87
CA GLY C 124 2.86 36.66 19.21
C GLY C 124 1.36 36.51 19.19
N CYS C 125 0.70 37.08 20.20
CA CYS C 125 -0.76 37.14 20.25
C CYS C 125 -1.16 38.30 21.12
N ALA C 126 -2.33 38.88 20.84
CA ALA C 126 -2.81 40.04 21.57
C ALA C 126 -3.97 39.71 22.53
N LEU C 127 -4.26 38.43 22.75
CA LEU C 127 -5.45 38.04 23.53
C LEU C 127 -5.24 37.85 25.04
N GLU C 128 -3.98 37.77 25.48
CA GLU C 128 -3.64 37.84 26.92
C GLU C 128 -4.13 36.68 27.80
N CYS C 129 -4.35 35.50 27.23
CA CYS C 129 -4.69 34.34 28.05
C CYS C 129 -3.60 34.13 29.11
N LYS C 130 -3.99 34.00 30.37
CA LYS C 130 -3.04 34.02 31.49
C LYS C 130 -2.20 32.76 31.65
N PHE C 131 -2.63 31.66 31.03
CA PHE C 131 -1.94 30.36 31.13
C PHE C 131 -1.03 30.05 29.94
N CYS C 132 -0.91 30.99 29.01
CA CYS C 132 -0.21 30.77 27.73
C CYS C 132 1.09 31.57 27.65
N SER C 133 2.18 30.91 27.25
CA SER C 133 3.47 31.60 27.15
C SER C 133 3.49 32.60 25.99
N THR C 134 2.81 32.27 24.90
CA THR C 134 2.72 33.19 23.77
C THR C 134 2.18 34.55 24.20
N ALA C 135 1.16 34.56 25.06
CA ALA C 135 0.57 35.80 25.59
C ALA C 135 1.59 36.68 26.31
N GLN C 136 2.48 36.05 27.09
CA GLN C 136 3.52 36.78 27.82
C GLN C 136 4.47 37.56 26.90
N GLN C 137 4.57 37.16 25.63
CA GLN C 137 5.45 37.83 24.67
C GLN C 137 4.83 39.10 24.07
N GLY C 138 3.51 39.22 24.15
CA GLY C 138 2.81 40.34 23.52
C GLY C 138 2.54 40.06 22.05
N PHE C 139 2.31 41.12 21.28
CA PHE C 139 1.88 41.00 19.88
C PHE C 139 2.60 42.02 19.01
N ASN C 140 3.04 41.58 17.84
CA ASN C 140 3.66 42.47 16.87
C ASN C 140 2.78 42.67 15.64
N ARG C 141 2.48 41.59 14.94
CA ARG C 141 1.69 41.65 13.71
C ARG C 141 1.19 40.28 13.27
N ASN C 142 0.30 40.29 12.28
CA ASN C 142 -0.14 39.08 11.60
C ASN C 142 0.92 38.57 10.63
N LEU C 143 0.95 37.25 10.44
CA LEU C 143 1.82 36.64 9.44
C LEU C 143 1.15 36.68 8.07
N ARG C 144 1.97 36.85 7.02
CA ARG C 144 1.50 36.77 5.64
C ARG C 144 1.17 35.33 5.27
N VAL C 145 0.40 35.17 4.21
CA VAL C 145 0.08 33.85 3.69
C VAL C 145 1.36 33.01 3.51
N SER C 146 2.36 33.59 2.86
CA SER C 146 3.61 32.90 2.61
C SER C 146 4.32 32.46 3.88
N GLU C 147 4.16 33.26 4.94
CA GLU C 147 4.75 32.95 6.24
C GLU C 147 3.99 31.84 6.99
N ILE C 148 2.74 31.62 6.64
CA ILE C 148 1.92 30.59 7.25
C ILE C 148 2.10 29.27 6.48
N ILE C 149 1.70 29.26 5.21
CA ILE C 149 1.87 28.06 4.38
C ILE C 149 3.35 27.69 4.20
N GLY C 150 4.24 28.67 4.33
CA GLY C 150 5.68 28.42 4.29
C GLY C 150 6.21 27.55 5.42
N GLN C 151 5.57 27.64 6.59
CA GLN C 151 5.89 26.73 7.70
C GLN C 151 5.64 25.28 7.29
N VAL C 152 4.52 25.05 6.61
CA VAL C 152 4.17 23.71 6.14
C VAL C 152 5.18 23.27 5.08
N TRP C 153 5.35 24.11 4.07
CA TRP C 153 6.32 23.89 2.99
C TRP C 153 7.66 23.48 3.56
N ARG C 154 8.16 24.28 4.48
CA ARG C 154 9.50 24.08 5.02
C ARG C 154 9.58 22.81 5.88
N ALA C 155 8.52 22.51 6.63
CA ALA C 155 8.48 21.29 7.44
C ALA C 155 8.43 20.04 6.57
N ALA C 156 7.62 20.10 5.50
CA ALA C 156 7.54 19.00 4.55
C ALA C 156 8.90 18.70 3.89
N LYS C 157 9.61 19.77 3.55
CA LYS C 157 10.90 19.65 2.86
C LYS C 157 11.95 19.01 3.77
N ILE C 158 12.00 19.45 5.02
CA ILE C 158 12.96 18.92 5.99
C ILE C 158 12.65 17.47 6.36
N VAL C 159 11.36 17.16 6.55
CA VAL C 159 10.94 15.82 6.95
C VAL C 159 11.03 14.84 5.80
N GLY C 160 10.72 15.30 4.58
CA GLY C 160 10.78 14.47 3.39
C GLY C 160 12.21 14.07 3.04
N ALA C 161 13.16 14.97 3.27
CA ALA C 161 14.57 14.74 2.95
C ALA C 161 15.17 13.65 3.83
N ALA C 162 15.21 13.88 5.14
CA ALA C 162 15.75 12.90 6.09
C ALA C 162 14.72 11.80 6.35
N LYS C 163 14.85 10.68 5.64
CA LYS C 163 13.91 9.56 5.77
C LYS C 163 14.17 8.79 7.06
N VAL C 164 13.74 9.36 8.18
CA VAL C 164 13.91 8.75 9.50
C VAL C 164 12.78 7.76 9.77
N THR C 165 13.09 6.72 10.53
CA THR C 165 12.11 5.69 10.90
C THR C 165 11.04 6.26 11.84
N GLY C 166 9.77 6.08 11.48
CA GLY C 166 8.64 6.60 12.26
C GLY C 166 8.34 8.08 12.02
N GLN C 167 9.05 8.70 11.07
CA GLN C 167 8.90 10.12 10.76
C GLN C 167 8.16 10.26 9.42
N ARG C 168 6.84 10.16 9.50
CA ARG C 168 5.95 10.16 8.33
C ARG C 168 5.79 11.57 7.76
N PRO C 169 5.41 11.69 6.46
CA PRO C 169 5.06 13.03 5.96
C PRO C 169 3.83 13.60 6.65
N ILE C 170 3.59 14.89 6.46
CA ILE C 170 2.52 15.58 7.16
C ILE C 170 1.14 15.14 6.63
N THR C 171 0.32 14.60 7.54
CA THR C 171 -1.06 14.21 7.22
C THR C 171 -2.08 15.14 7.87
N ASN C 172 -1.68 15.79 8.96
CA ASN C 172 -2.57 16.64 9.75
C ASN C 172 -1.91 17.99 10.00
N VAL C 173 -2.71 19.06 9.90
CA VAL C 173 -2.25 20.38 10.33
C VAL C 173 -3.19 20.93 11.39
N VAL C 174 -2.62 21.48 12.46
CA VAL C 174 -3.40 22.15 13.49
C VAL C 174 -2.94 23.60 13.62
N MET C 175 -3.90 24.52 13.60
CA MET C 175 -3.62 25.93 13.80
C MET C 175 -3.59 26.17 15.30
N MET C 176 -2.50 25.73 15.92
CA MET C 176 -2.34 25.79 17.37
C MET C 176 -0.97 26.30 17.79
N GLY C 177 -0.30 27.03 16.90
CA GLY C 177 0.99 27.63 17.20
C GLY C 177 0.75 28.97 17.87
N MET C 178 1.61 29.94 17.59
CA MET C 178 1.45 31.27 18.13
C MET C 178 0.33 32.02 17.42
N GLY C 179 -0.56 32.63 18.20
CA GLY C 179 -1.54 33.59 17.69
C GLY C 179 -2.95 33.05 17.53
N GLU C 180 -3.92 33.96 17.56
CA GLU C 180 -5.33 33.63 17.34
C GLU C 180 -5.60 33.66 15.85
N PRO C 181 -5.95 32.50 15.26
CA PRO C 181 -6.16 32.44 13.80
C PRO C 181 -7.29 33.33 13.29
N LEU C 182 -8.35 33.48 14.07
CA LEU C 182 -9.53 34.24 13.63
C LEU C 182 -9.28 35.74 13.52
N LEU C 183 -8.18 36.23 14.10
CA LEU C 183 -7.78 37.63 13.91
C LEU C 183 -6.83 37.82 12.72
N ASN C 184 -6.67 36.78 11.91
CA ASN C 184 -5.87 36.88 10.68
C ASN C 184 -6.50 36.11 9.51
N LEU C 185 -7.80 36.31 9.31
CA LEU C 185 -8.54 35.62 8.24
C LEU C 185 -7.98 35.89 6.84
N ASN C 186 -7.45 37.09 6.60
CA ASN C 186 -6.94 37.44 5.27
C ASN C 186 -5.86 36.50 4.81
N ASN C 187 -5.03 36.06 5.75
CA ASN C 187 -3.90 35.19 5.44
C ASN C 187 -4.11 33.75 5.85
N VAL C 188 -4.84 33.53 6.94
CA VAL C 188 -5.08 32.18 7.42
C VAL C 188 -5.91 31.36 6.44
N VAL C 189 -6.95 31.96 5.87
CA VAL C 189 -7.86 31.23 4.99
C VAL C 189 -7.18 30.80 3.69
N PRO C 190 -6.53 31.74 2.98
CA PRO C 190 -5.77 31.34 1.79
C PRO C 190 -4.73 30.27 2.07
N ALA C 191 -4.06 30.35 3.22
CA ALA C 191 -3.06 29.35 3.61
C ALA C 191 -3.70 27.97 3.77
N MET C 192 -4.85 27.93 4.43
CA MET C 192 -5.58 26.68 4.60
C MET C 192 -6.12 26.14 3.28
N GLU C 193 -6.48 27.02 2.36
CA GLU C 193 -6.96 26.60 1.05
C GLU C 193 -5.86 25.83 0.30
N ILE C 194 -4.62 26.27 0.46
CA ILE C 194 -3.46 25.62 -0.14
C ILE C 194 -3.13 24.29 0.54
N MET C 195 -3.39 24.18 1.84
CA MET C 195 -3.24 22.91 2.55
C MET C 195 -4.20 21.88 1.98
N LEU C 196 -5.44 22.29 1.74
CA LEU C 196 -6.48 21.39 1.26
C LEU C 196 -6.44 21.10 -0.24
N ASP C 197 -5.86 22.01 -1.00
CA ASP C 197 -5.87 21.91 -2.47
C ASP C 197 -5.13 20.68 -2.94
N ASP C 198 -5.72 19.98 -3.91
CA ASP C 198 -5.13 18.80 -4.53
C ASP C 198 -3.77 19.10 -5.16
N PHE C 199 -3.61 20.30 -5.71
CA PHE C 199 -2.34 20.72 -6.28
C PHE C 199 -1.43 21.36 -5.25
N GLY C 200 -1.98 21.61 -4.06
CA GLY C 200 -1.20 21.98 -2.89
C GLY C 200 -0.83 20.76 -2.09
N PHE C 201 -1.04 20.81 -0.77
CA PHE C 201 -0.69 19.69 0.11
C PHE C 201 -1.73 18.57 0.14
N GLY C 202 -2.94 18.83 -0.35
CA GLY C 202 -3.94 17.79 -0.52
C GLY C 202 -4.45 17.16 0.78
N LEU C 203 -4.40 17.93 1.87
CA LEU C 203 -4.85 17.43 3.16
C LEU C 203 -6.37 17.43 3.22
N SER C 204 -6.89 16.66 4.17
CA SER C 204 -8.33 16.56 4.36
C SER C 204 -8.84 17.70 5.22
N LYS C 205 -10.02 18.21 4.85
CA LYS C 205 -10.87 19.03 5.72
C LYS C 205 -10.82 18.61 7.17
N ARG C 206 -10.97 17.31 7.39
CA ARG C 206 -11.18 16.75 8.73
C ARG C 206 -9.91 16.71 9.56
N ARG C 207 -8.75 16.85 8.90
CA ARG C 207 -7.46 16.80 9.57
C ARG C 207 -6.71 18.14 9.47
N VAL C 208 -7.43 19.19 9.10
CA VAL C 208 -6.96 20.54 9.26
C VAL C 208 -7.87 21.18 10.31
N THR C 209 -7.35 21.34 11.52
CA THR C 209 -8.14 21.79 12.64
C THR C 209 -7.71 23.18 13.09
N LEU C 210 -8.64 24.13 13.01
CA LEU C 210 -8.41 25.48 13.50
C LEU C 210 -8.88 25.57 14.95
N SER C 211 -8.01 26.10 15.81
CA SER C 211 -8.34 26.32 17.21
C SER C 211 -8.55 27.80 17.44
N THR C 212 -9.61 28.16 18.17
CA THR C 212 -9.90 29.55 18.49
C THR C 212 -10.37 29.75 19.92
N SER C 213 -10.05 30.92 20.46
CA SER C 213 -10.49 31.36 21.78
C SER C 213 -11.85 32.07 21.73
N GLY C 214 -12.32 32.37 20.53
CA GLY C 214 -13.72 32.76 20.34
C GLY C 214 -13.97 34.20 19.96
N VAL C 215 -13.48 34.59 18.80
CA VAL C 215 -13.78 35.89 18.20
C VAL C 215 -15.01 35.69 17.33
N VAL C 216 -16.20 35.77 17.94
CA VAL C 216 -17.39 35.18 17.32
C VAL C 216 -17.79 35.78 15.97
N PRO C 217 -17.63 37.11 15.79
CA PRO C 217 -17.93 37.62 14.45
C PRO C 217 -17.02 37.03 13.38
N ALA C 218 -15.75 36.80 13.75
CA ALA C 218 -14.79 36.18 12.85
C ALA C 218 -15.11 34.70 12.58
N LEU C 219 -15.69 34.02 13.56
CA LEU C 219 -16.08 32.63 13.37
C LEU C 219 -17.20 32.55 12.32
N ASP C 220 -18.17 33.45 12.41
CA ASP C 220 -19.23 33.52 11.41
C ASP C 220 -18.64 33.82 10.03
N LYS C 221 -17.73 34.79 9.94
CA LYS C 221 -17.00 35.06 8.70
C LYS C 221 -16.36 33.78 8.16
N LEU C 222 -15.70 33.03 9.04
CA LEU C 222 -15.02 31.79 8.62
C LEU C 222 -15.98 30.81 7.93
N GLY C 223 -17.18 30.66 8.49
CA GLY C 223 -18.22 29.83 7.89
C GLY C 223 -18.58 30.18 6.45
N ASP C 224 -18.49 31.46 6.09
CA ASP C 224 -18.76 31.91 4.73
C ASP C 224 -17.54 31.84 3.80
N MET C 225 -16.38 31.45 4.33
CA MET C 225 -15.13 31.43 3.55
C MET C 225 -14.58 30.03 3.31
N ILE C 226 -14.61 29.16 4.33
CA ILE C 226 -14.01 27.83 4.23
C ILE C 226 -14.52 26.88 5.33
N ASP C 227 -14.61 25.60 5.01
CA ASP C 227 -15.00 24.57 5.97
C ASP C 227 -13.77 23.76 6.41
N VAL C 228 -13.40 23.87 7.69
CA VAL C 228 -12.33 23.08 8.28
C VAL C 228 -12.75 22.57 9.66
N ALA C 229 -12.03 21.58 10.17
CA ALA C 229 -12.28 21.05 11.50
C ALA C 229 -12.03 22.13 12.54
N LEU C 230 -12.86 22.18 13.57
CA LEU C 230 -12.83 23.28 14.55
C LEU C 230 -12.63 22.76 15.96
N ALA C 231 -11.72 23.39 16.67
CA ALA C 231 -11.54 23.14 18.10
C ALA C 231 -11.73 24.46 18.80
N ILE C 232 -12.30 24.45 20.00
CA ILE C 232 -12.49 25.69 20.75
C ILE C 232 -11.80 25.65 22.10
N SER C 233 -11.18 26.76 22.44
CA SER C 233 -10.45 26.92 23.68
C SER C 233 -11.41 27.35 24.78
N LEU C 234 -12.14 26.39 25.34
CA LEU C 234 -13.15 26.71 26.34
C LEU C 234 -12.50 26.93 27.70
N HIS C 235 -11.80 25.92 28.22
CA HIS C 235 -11.00 26.03 29.44
C HIS C 235 -11.75 26.36 30.75
N ALA C 236 -13.07 26.43 30.72
CA ALA C 236 -13.83 26.76 31.93
C ALA C 236 -15.29 26.34 31.85
N PRO C 237 -15.90 26.02 33.00
CA PRO C 237 -17.29 25.59 33.03
C PRO C 237 -18.29 26.73 33.20
N ASN C 238 -17.80 27.97 33.35
CA ASN C 238 -18.68 29.13 33.56
C ASN C 238 -17.94 30.44 33.24
N ASP C 239 -18.72 31.52 33.13
CA ASP C 239 -18.19 32.81 32.67
C ASP C 239 -17.23 33.49 33.65
N GLU C 240 -17.38 33.27 34.95
CA GLU C 240 -16.61 34.04 35.91
C GLU C 240 -15.18 33.51 35.97
N ILE C 241 -15.01 32.20 35.91
CA ILE C 241 -13.69 31.61 35.80
C ILE C 241 -13.06 31.95 34.46
N ARG C 242 -13.84 31.87 33.38
CA ARG C 242 -13.31 32.11 32.05
C ARG C 242 -12.90 33.56 31.83
N ASP C 243 -13.61 34.48 32.46
CA ASP C 243 -13.26 35.90 32.39
C ASP C 243 -11.85 36.13 32.92
N GLU C 244 -11.49 35.37 33.95
CA GLU C 244 -10.17 35.46 34.56
C GLU C 244 -9.06 34.96 33.62
N ILE C 245 -9.22 33.75 33.10
CA ILE C 245 -8.12 33.08 32.39
C ILE C 245 -8.07 33.30 30.88
N VAL C 246 -9.23 33.53 30.26
CA VAL C 246 -9.33 33.85 28.83
C VAL C 246 -10.14 35.16 28.68
N PRO C 247 -9.45 36.31 28.77
CA PRO C 247 -10.10 37.61 28.87
C PRO C 247 -11.08 38.00 27.77
N ILE C 248 -10.94 37.41 26.58
CA ILE C 248 -11.88 37.72 25.49
C ILE C 248 -13.31 37.24 25.80
N ASN C 249 -13.46 36.33 26.75
CA ASN C 249 -14.77 35.92 27.25
C ASN C 249 -15.59 37.10 27.80
N LYS C 250 -14.93 38.20 28.15
CA LYS C 250 -15.60 39.41 28.60
C LYS C 250 -16.38 40.10 27.48
N LYS C 251 -15.85 40.02 26.26
CA LYS C 251 -16.51 40.59 25.07
C LYS C 251 -17.49 39.59 24.44
N TYR C 252 -17.10 38.31 24.43
CA TYR C 252 -17.94 37.24 23.88
C TYR C 252 -18.00 36.09 24.89
N ASN C 253 -19.09 36.02 25.66
CA ASN C 253 -19.20 35.03 26.73
C ASN C 253 -19.49 33.62 26.22
N ILE C 254 -19.56 32.66 27.13
CA ILE C 254 -19.61 31.26 26.74
C ILE C 254 -20.79 30.90 25.82
N GLU C 255 -21.99 31.36 26.15
CA GLU C 255 -23.18 31.04 25.35
C GLU C 255 -23.15 31.69 23.96
N THR C 256 -22.69 32.94 23.88
CA THR C 256 -22.51 33.60 22.58
C THR C 256 -21.53 32.82 21.70
N PHE C 257 -20.51 32.24 22.34
CA PHE C 257 -19.47 31.47 21.65
C PHE C 257 -20.05 30.11 21.21
N LEU C 258 -20.68 29.39 22.14
CA LEU C 258 -21.30 28.10 21.81
C LEU C 258 -22.33 28.20 20.67
N ALA C 259 -23.03 29.33 20.59
CA ALA C 259 -24.04 29.52 19.55
C ALA C 259 -23.39 29.73 18.19
N ALA C 260 -22.31 30.52 18.15
CA ALA C 260 -21.55 30.71 16.92
C ALA C 260 -20.95 29.38 16.43
N VAL C 261 -20.52 28.55 17.37
CA VAL C 261 -20.00 27.21 17.08
C VAL C 261 -21.07 26.32 16.42
N ARG C 262 -22.26 26.28 17.02
CA ARG C 262 -23.37 25.50 16.46
C ARG C 262 -23.75 25.99 15.06
N ARG C 263 -23.60 27.28 14.81
CA ARG C 263 -23.78 27.83 13.46
C ARG C 263 -22.70 27.36 12.49
N TYR C 264 -21.46 27.23 12.97
CA TYR C 264 -20.39 26.69 12.14
C TYR C 264 -20.62 25.21 11.84
N LEU C 265 -21.02 24.46 12.86
CA LEU C 265 -21.25 23.01 12.70
C LEU C 265 -22.40 22.66 11.74
N GLU C 266 -23.39 23.53 11.65
CA GLU C 266 -24.57 23.28 10.81
C GLU C 266 -24.19 23.22 9.33
N LYS C 267 -23.22 24.03 8.91
CA LYS C 267 -22.74 24.07 7.53
C LYS C 267 -21.59 23.09 7.25
N SER C 268 -21.09 22.38 8.26
CA SER C 268 -19.77 21.76 8.18
C SER C 268 -19.78 20.25 7.92
N ASN C 269 -19.13 19.84 6.82
CA ASN C 269 -18.75 18.45 6.60
C ASN C 269 -17.50 18.05 7.38
N ALA C 270 -16.54 18.97 7.45
CA ALA C 270 -15.26 18.73 8.12
C ALA C 270 -15.40 18.29 9.59
N ASN C 271 -16.35 18.90 10.29
CA ASN C 271 -16.56 18.62 11.71
C ASN C 271 -17.42 17.40 12.01
N GLN C 272 -18.10 16.86 10.99
CA GLN C 272 -18.91 15.65 11.17
C GLN C 272 -19.85 15.74 12.38
N GLY C 273 -20.46 16.91 12.58
CA GLY C 273 -21.42 17.10 13.66
C GLY C 273 -20.87 17.46 15.03
N ARG C 274 -19.54 17.37 15.22
CA ARG C 274 -18.92 17.56 16.55
C ARG C 274 -17.78 18.59 16.53
N VAL C 275 -17.85 19.53 17.45
CA VAL C 275 -16.72 20.42 17.75
C VAL C 275 -15.83 19.75 18.80
N THR C 276 -14.54 20.09 18.82
CA THR C 276 -13.64 19.63 19.87
C THR C 276 -13.55 20.70 20.95
N ILE C 277 -13.79 20.31 22.20
CA ILE C 277 -13.71 21.23 23.33
C ILE C 277 -12.32 21.09 23.94
N GLU C 278 -11.51 22.15 23.83
CA GLU C 278 -10.19 22.18 24.45
C GLU C 278 -10.31 22.72 25.86
N TYR C 279 -9.72 22.01 26.81
CA TYR C 279 -9.88 22.33 28.22
C TYR C 279 -8.57 22.10 28.96
N VAL C 280 -7.94 23.19 29.39
CA VAL C 280 -6.61 23.13 29.97
C VAL C 280 -6.83 22.86 31.46
N MET C 281 -6.02 21.96 32.00
CA MET C 281 -6.21 21.48 33.37
C MET C 281 -5.23 22.18 34.31
N LEU C 282 -5.75 23.22 34.97
CA LEU C 282 -5.00 24.06 35.90
C LEU C 282 -5.31 23.65 37.34
N ASP C 283 -4.27 23.32 38.11
CA ASP C 283 -4.40 22.82 39.47
C ASP C 283 -5.27 23.68 40.38
N HIS C 284 -6.37 23.10 40.88
CA HIS C 284 -7.31 23.77 41.79
C HIS C 284 -7.86 25.09 41.28
N VAL C 285 -8.07 25.21 39.98
CA VAL C 285 -8.67 26.42 39.38
C VAL C 285 -9.96 26.06 38.64
N ASN C 286 -9.84 25.12 37.70
CA ASN C 286 -10.97 24.69 36.87
C ASN C 286 -11.00 23.17 36.73
N ASP C 287 -10.40 22.52 37.73
N ASP C 287 -10.34 22.47 37.65
CA ASP C 287 -9.96 21.15 37.61
CA ASP C 287 -10.09 21.02 37.48
C ASP C 287 -10.65 20.17 38.59
C ASP C 287 -10.72 20.13 38.55
N GLY C 288 -11.51 20.69 39.44
CA GLY C 288 -12.21 19.89 40.46
C GLY C 288 -13.38 19.10 39.90
N THR C 289 -13.79 18.06 40.62
CA THR C 289 -14.97 17.28 40.27
C THR C 289 -16.21 18.17 40.10
N GLU C 290 -16.39 19.14 41.00
CA GLU C 290 -17.48 20.12 40.91
C GLU C 290 -17.55 20.78 39.53
N HIS C 291 -16.38 21.11 38.96
CA HIS C 291 -16.29 21.81 37.69
C HIS C 291 -16.68 20.93 36.51
N ALA C 292 -16.29 19.65 36.58
CA ALA C 292 -16.67 18.67 35.57
C ALA C 292 -18.20 18.49 35.45
N HIS C 293 -18.89 18.45 36.59
CA HIS C 293 -20.38 18.38 36.58
C HIS C 293 -20.95 19.61 35.89
N GLN C 294 -20.44 20.78 36.27
CA GLN C 294 -20.88 22.04 35.68
C GLN C 294 -20.57 22.12 34.19
N LEU C 295 -19.42 21.57 33.78
CA LEU C 295 -19.04 21.52 32.36
C LEU C 295 -19.96 20.60 31.57
N ALA C 296 -20.29 19.45 32.15
CA ALA C 296 -21.20 18.49 31.49
C ALA C 296 -22.57 19.12 31.22
N GLU C 297 -23.08 19.86 32.20
CA GLU C 297 -24.34 20.59 32.06
C GLU C 297 -24.25 21.68 30.98
N LEU C 298 -23.16 22.44 31.02
CA LEU C 298 -22.92 23.52 30.07
C LEU C 298 -22.93 23.06 28.61
N LEU C 299 -22.41 21.87 28.36
CA LEU C 299 -22.24 21.35 27.01
C LEU C 299 -23.35 20.38 26.54
N LYS C 300 -24.40 20.21 27.33
CA LYS C 300 -25.46 19.24 26.99
C LYS C 300 -26.16 19.50 25.66
N ASP C 301 -26.20 20.76 25.22
CA ASP C 301 -26.80 21.12 23.93
C ASP C 301 -25.80 21.44 22.80
N THR C 302 -24.52 21.07 22.99
CA THR C 302 -23.50 21.33 21.98
C THR C 302 -22.75 20.02 21.66
N PRO C 303 -23.07 19.40 20.51
CA PRO C 303 -22.45 18.10 20.22
C PRO C 303 -20.94 18.23 20.05
N CYS C 304 -20.20 17.38 20.75
CA CYS C 304 -18.79 17.60 20.92
C CYS C 304 -18.02 16.38 21.37
N LYS C 305 -16.70 16.56 21.39
CA LYS C 305 -15.76 15.64 22.02
C LYS C 305 -14.84 16.52 22.86
N ILE C 306 -14.46 16.04 24.03
CA ILE C 306 -13.72 16.84 24.97
C ILE C 306 -12.25 16.43 24.98
N ASN C 307 -11.36 17.42 24.80
CA ASN C 307 -9.92 17.21 24.82
C ASN C 307 -9.31 17.90 26.04
N LEU C 308 -8.97 17.13 27.07
CA LEU C 308 -8.36 17.68 28.27
C LEU C 308 -6.86 17.89 28.04
N ILE C 309 -6.36 19.07 28.41
CA ILE C 309 -4.96 19.42 28.16
C ILE C 309 -4.22 19.68 29.47
N PRO C 310 -3.36 18.75 29.89
CA PRO C 310 -2.57 19.03 31.09
C PRO C 310 -1.72 20.27 30.90
N TRP C 311 -1.74 21.18 31.87
CA TRP C 311 -1.10 22.48 31.68
C TRP C 311 0.42 22.33 31.54
N ASN C 312 0.96 23.01 30.52
CA ASN C 312 2.39 22.99 30.26
C ASN C 312 2.99 24.27 30.78
N PRO C 313 3.97 24.17 31.68
CA PRO C 313 4.47 25.36 32.38
C PRO C 313 5.31 26.30 31.51
N PHE C 314 5.44 27.54 31.98
CA PHE C 314 6.31 28.54 31.37
C PHE C 314 6.81 29.50 32.46
N PRO C 315 7.91 30.23 32.20
CA PRO C 315 8.55 31.02 33.27
C PRO C 315 7.65 32.09 33.86
N GLY C 316 7.56 32.12 35.19
CA GLY C 316 6.77 33.12 35.90
C GLY C 316 5.26 32.88 36.01
N ALA C 317 4.77 31.76 35.48
CA ALA C 317 3.33 31.47 35.50
C ALA C 317 2.83 31.18 36.92
N PRO C 318 1.69 31.77 37.30
CA PRO C 318 1.12 31.54 38.63
C PRO C 318 0.21 30.30 38.73
N TYR C 319 0.40 29.31 37.86
CA TYR C 319 -0.41 28.08 37.92
C TYR C 319 0.48 26.86 38.10
N GLY C 320 -0.17 25.74 38.36
CA GLY C 320 0.48 24.43 38.36
C GLY C 320 -0.33 23.49 37.49
N ARG C 321 0.30 22.39 37.08
CA ARG C 321 -0.37 21.35 36.31
C ARG C 321 -1.25 20.52 37.25
N SER C 322 -2.46 20.21 36.82
CA SER C 322 -3.32 19.30 37.58
C SER C 322 -2.65 17.95 37.63
N SER C 323 -2.61 17.35 38.82
CA SER C 323 -2.07 16.00 39.00
C SER C 323 -2.85 15.00 38.14
N ASN C 324 -2.21 13.88 37.85
CA ASN C 324 -2.82 12.88 36.99
C ASN C 324 -4.09 12.29 37.60
N SER C 325 -4.13 12.18 38.93
CA SER C 325 -5.29 11.64 39.62
C SER C 325 -6.47 12.61 39.56
N ARG C 326 -6.22 13.91 39.75
CA ARG C 326 -7.27 14.92 39.59
C ARG C 326 -7.79 14.94 38.15
N ILE C 327 -6.88 14.87 37.18
CA ILE C 327 -7.29 14.82 35.77
C ILE C 327 -8.15 13.58 35.52
N ASP C 328 -7.67 12.43 36.00
CA ASP C 328 -8.36 11.16 35.81
C ASP C 328 -9.79 11.21 36.33
N ARG C 329 -9.97 11.69 37.56
CA ARG C 329 -11.29 11.81 38.16
C ARG C 329 -12.19 12.79 37.39
N PHE C 330 -11.60 13.85 36.88
CA PHE C 330 -12.33 14.84 36.07
C PHE C 330 -12.89 14.18 34.80
N SER C 331 -12.07 13.36 34.16
CA SER C 331 -12.47 12.71 32.91
C SER C 331 -13.48 11.58 33.16
N LYS C 332 -13.30 10.84 34.26
CA LYS C 332 -14.27 9.83 34.67
C LYS C 332 -15.67 10.43 34.79
N VAL C 333 -15.77 11.59 35.43
CA VAL C 333 -17.05 12.27 35.62
C VAL C 333 -17.67 12.59 34.26
N LEU C 334 -16.89 13.22 33.38
CA LEU C 334 -17.39 13.57 32.04
C LEU C 334 -17.84 12.35 31.24
N MET C 335 -17.10 11.25 31.36
CA MET C 335 -17.44 10.00 30.68
C MET C 335 -18.76 9.43 31.20
N SER C 336 -19.10 9.70 32.46
CA SER C 336 -20.36 9.26 33.04
C SER C 336 -21.56 10.02 32.48
N TYR C 337 -21.32 11.20 31.91
CA TYR C 337 -22.38 11.93 31.18
C TYR C 337 -22.42 11.58 29.69
N GLY C 338 -21.62 10.60 29.25
CA GLY C 338 -21.63 10.16 27.85
C GLY C 338 -20.76 10.95 26.88
N PHE C 339 -19.79 11.71 27.39
CA PHE C 339 -18.90 12.47 26.52
C PHE C 339 -17.65 11.66 26.15
N THR C 340 -17.30 11.69 24.87
CA THR C 340 -15.96 11.26 24.47
C THR C 340 -14.98 12.25 25.10
N THR C 341 -14.06 11.73 25.89
CA THR C 341 -13.14 12.55 26.65
C THR C 341 -11.73 11.99 26.53
N ILE C 342 -10.81 12.78 25.96
CA ILE C 342 -9.45 12.33 25.72
C ILE C 342 -8.46 13.29 26.36
N VAL C 343 -7.48 12.73 27.07
CA VAL C 343 -6.38 13.54 27.59
C VAL C 343 -5.35 13.71 26.46
N ARG C 344 -5.01 14.96 26.16
CA ARG C 344 -3.97 15.25 25.17
C ARG C 344 -2.60 14.88 25.72
N LYS C 345 -1.98 13.86 25.12
CA LYS C 345 -0.62 13.50 25.50
C LYS C 345 0.29 14.70 25.31
N THR C 346 1.11 14.98 26.31
CA THR C 346 2.06 16.09 26.28
C THR C 346 3.21 15.75 25.33
N ARG C 347 3.35 16.54 24.27
CA ARG C 347 4.38 16.30 23.26
C ARG C 347 5.37 17.45 23.20
N GLY C 348 6.64 17.13 23.43
CA GLY C 348 7.74 18.07 23.21
C GLY C 348 7.96 19.12 24.29
N ASP C 349 7.58 18.83 25.53
CA ASP C 349 7.76 19.80 26.61
C ASP C 349 9.21 19.91 27.11
N ASP C 350 10.06 18.96 26.74
CA ASP C 350 11.50 19.07 27.04
C ASP C 350 12.18 20.19 26.23
N ILE C 351 11.57 20.60 25.12
CA ILE C 351 12.10 21.68 24.27
C ILE C 351 11.13 22.86 24.13
N ASP C 352 10.30 23.06 25.16
CA ASP C 352 9.28 24.11 25.14
C ASP C 352 8.47 24.12 23.84
N ALA C 353 8.08 22.94 23.38
CA ALA C 353 7.24 22.79 22.19
C ALA C 353 5.79 22.35 22.48
N ALA C 354 5.47 22.04 23.74
CA ALA C 354 4.10 21.65 24.11
C ALA C 354 3.15 22.82 23.88
N GLY C 356 1.00 25.87 24.05
CA GLY C 356 1.12 27.02 24.94
C GLY C 356 2.51 27.42 25.41
N GLN C 357 3.55 26.73 24.95
CA GLN C 357 4.94 27.05 25.33
C GLN C 357 5.73 27.83 24.27
N LEU C 358 5.08 28.17 23.15
CA LEU C 358 5.76 28.80 22.03
C LEU C 358 5.99 30.29 22.26
N ALA C 359 7.23 30.65 22.59
CA ALA C 359 7.60 32.04 22.87
C ALA C 359 8.08 32.77 21.63
N GLY C 360 8.76 32.06 20.73
CA GLY C 360 9.36 32.68 19.55
C GLY C 360 10.31 33.81 19.94
N ASP C 361 10.34 34.87 19.14
CA ASP C 361 11.14 36.05 19.42
C ASP C 361 10.36 37.25 18.89
N VAL C 362 9.68 37.93 19.80
CA VAL C 362 8.63 38.87 19.42
C VAL C 362 8.99 40.26 19.94
N ILE C 363 8.77 41.26 19.10
CA ILE C 363 8.87 42.64 19.51
C ILE C 363 7.45 43.14 19.78
N ASP C 364 7.08 43.19 21.06
CA ASP C 364 5.75 43.63 21.44
C ASP C 364 5.50 45.08 21.05
N ARG C 365 4.40 45.31 20.31
CA ARG C 365 3.99 46.66 19.93
C ARG C 365 2.87 47.22 20.83
N THR C 366 2.37 46.41 21.76
CA THR C 366 1.24 46.81 22.62
C THR C 366 1.66 47.39 23.97
N LYS C 367 2.95 47.73 24.12
CA LYS C 367 3.49 48.29 25.36
C LYS C 367 3.04 47.53 26.60
N ARG C 368 3.01 46.20 26.49
CA ARG C 368 2.55 45.33 27.56
C ARG C 368 3.46 45.40 28.79
N THR C 369 4.76 45.56 28.56
CA THR C 369 5.75 45.64 29.65
C THR C 369 5.63 46.97 30.40
N LEU C 370 5.54 48.08 29.67
CA LEU C 370 5.39 49.40 30.29
C LEU C 370 4.02 49.58 30.94
N ARG C 371 3.01 48.86 30.45
CA ARG C 371 1.71 48.79 31.11
C ARG C 371 1.80 47.99 32.40
N LYS C 372 2.50 46.85 32.37
CA LYS C 372 2.61 45.96 33.53
C LYS C 372 3.14 46.68 34.78
N ARG C 373 4.20 47.47 34.63
CA ARG C 373 4.82 48.17 35.76
C ARG C 373 4.01 49.36 36.28
N MET C 374 3.11 49.89 35.45
CA MET C 374 2.16 50.92 35.88
C MET C 374 0.84 50.31 36.41
N GLN C 375 0.81 48.98 36.53
CA GLN C 375 -0.23 48.27 37.28
C GLN C 375 -1.62 48.47 36.68
N GLY D 16 -20.85 -14.77 0.18
CA GLY D 16 -19.58 -14.01 -0.02
C GLY D 16 -18.53 -14.27 1.04
N LYS D 17 -18.41 -15.53 1.47
CA LYS D 17 -17.38 -15.93 2.43
C LYS D 17 -16.01 -15.96 1.74
N ILE D 18 -14.98 -15.49 2.42
CA ILE D 18 -13.64 -15.49 1.85
C ILE D 18 -13.03 -16.90 1.90
N ASN D 19 -12.48 -17.33 0.77
CA ASN D 19 -11.83 -18.63 0.66
C ASN D 19 -10.35 -18.49 1.02
N LEU D 20 -9.92 -19.22 2.05
CA LEU D 20 -8.55 -19.10 2.55
C LEU D 20 -7.51 -19.68 1.57
N LEU D 21 -7.95 -20.56 0.68
CA LEU D 21 -7.08 -21.10 -0.36
C LEU D 21 -6.65 -20.08 -1.41
N ASP D 22 -7.24 -18.88 -1.40
CA ASP D 22 -6.82 -17.79 -2.29
C ASP D 22 -5.69 -16.94 -1.70
N LEU D 23 -5.38 -17.14 -0.41
CA LEU D 23 -4.46 -16.24 0.29
C LEU D 23 -3.12 -16.91 0.58
N ASN D 24 -2.03 -16.20 0.27
CA ASN D 24 -0.71 -16.62 0.72
C ASN D 24 -0.54 -16.19 2.19
N ARG D 25 0.65 -16.42 2.75
CA ARG D 25 0.94 -16.06 4.14
C ARG D 25 0.63 -14.59 4.42
N GLN D 26 1.30 -13.70 3.68
CA GLN D 26 1.17 -12.25 3.86
C GLN D 26 -0.28 -11.78 3.87
N GLN D 27 -1.04 -12.18 2.86
CA GLN D 27 -2.45 -11.80 2.75
C GLN D 27 -3.30 -12.40 3.86
N MET D 28 -2.91 -13.56 4.37
CA MET D 28 -3.64 -14.16 5.50
C MET D 28 -3.27 -13.54 6.85
N ARG D 29 -2.07 -12.96 6.95
CA ARG D 29 -1.70 -12.18 8.14
C ARG D 29 -2.60 -10.96 8.22
N GLU D 30 -2.67 -10.23 7.12
CA GLU D 30 -3.48 -9.01 7.03
C GLU D 30 -4.99 -9.30 7.14
N PHE D 31 -5.38 -10.51 6.77
CA PHE D 31 -6.76 -10.99 7.01
C PHE D 31 -7.03 -11.11 8.50
N PHE D 32 -6.08 -11.71 9.23
CA PHE D 32 -6.23 -11.89 10.67
C PHE D 32 -5.98 -10.60 11.47
N LYS D 33 -5.19 -9.68 10.94
CA LYS D 33 -5.03 -8.36 11.57
C LYS D 33 -6.37 -7.63 11.59
N ASP D 34 -7.11 -7.73 10.48
CA ASP D 34 -8.52 -7.34 10.48
C ASP D 34 -9.29 -8.33 11.33
N LEU D 35 -10.47 -7.95 11.79
CA LEU D 35 -11.22 -8.70 12.80
C LEU D 35 -10.41 -9.00 14.09
N GLY D 36 -9.40 -8.18 14.36
CA GLY D 36 -8.66 -8.19 15.63
C GLY D 36 -8.08 -9.53 16.08
N GLU D 37 -7.11 -10.03 15.34
CA GLU D 37 -6.34 -11.21 15.75
C GLU D 37 -4.87 -11.00 15.41
N LYS D 38 -4.01 -11.82 16.00
CA LYS D 38 -2.57 -11.65 15.84
C LYS D 38 -2.00 -12.56 14.72
N PRO D 39 -0.90 -12.12 14.09
CA PRO D 39 -0.26 -12.79 12.95
C PRO D 39 -0.10 -14.31 13.04
N PHE D 40 0.18 -14.83 14.23
CA PHE D 40 0.45 -16.26 14.41
C PHE D 40 -0.75 -17.16 14.07
N ARG D 41 -1.95 -16.59 14.07
CA ARG D 41 -3.16 -17.33 13.67
C ARG D 41 -3.08 -17.81 12.22
N ALA D 42 -2.55 -16.94 11.35
CA ALA D 42 -2.30 -17.30 9.96
C ALA D 42 -1.44 -18.57 9.88
N ASP D 43 -0.35 -18.59 10.64
CA ASP D 43 0.53 -19.75 10.70
C ASP D 43 -0.23 -21.01 11.10
N GLN D 44 -1.02 -20.89 12.17
CA GLN D 44 -1.75 -22.02 12.73
C GLN D 44 -2.72 -22.63 11.74
N VAL D 45 -3.52 -21.77 11.10
CA VAL D 45 -4.58 -22.23 10.21
C VAL D 45 -4.00 -22.83 8.92
N MET D 46 -2.94 -22.23 8.40
CA MET D 46 -2.26 -22.76 7.21
C MET D 46 -1.71 -24.17 7.47
N LYS D 47 -1.13 -24.38 8.64
CA LYS D 47 -0.67 -25.71 9.06
C LYS D 47 -1.81 -26.71 9.00
N TRP D 48 -2.96 -26.36 9.56
CA TRP D 48 -4.13 -27.24 9.49
C TRP D 48 -4.51 -27.50 8.03
N MET D 49 -4.64 -26.42 7.26
CA MET D 49 -5.07 -26.53 5.87
C MET D 49 -4.12 -27.39 5.03
N TYR D 50 -2.82 -27.14 5.17
CA TYR D 50 -1.84 -27.71 4.23
C TYR D 50 -1.07 -28.91 4.78
N HIS D 51 -0.68 -28.88 6.05
CA HIS D 51 -0.03 -30.05 6.68
C HIS D 51 -1.01 -31.20 6.89
N TYR D 52 -2.29 -30.87 7.09
CA TYR D 52 -3.29 -31.89 7.44
C TYR D 52 -4.46 -32.00 6.47
N CYS D 54 -7.01 -29.97 5.93
CA CYS D 54 -8.18 -29.70 6.74
C CYS D 54 -9.05 -28.59 6.14
N ASP D 55 -10.33 -28.89 5.91
CA ASP D 55 -11.26 -27.92 5.33
C ASP D 55 -12.38 -27.51 6.30
N ASN D 56 -12.24 -27.90 7.57
CA ASN D 56 -13.28 -27.72 8.58
C ASN D 56 -12.71 -27.09 9.84
N PHE D 57 -13.15 -25.88 10.14
CA PHE D 57 -12.65 -25.13 11.29
C PHE D 57 -12.86 -25.82 12.64
N ASP D 58 -13.91 -26.65 12.75
CA ASP D 58 -14.17 -27.40 13.97
C ASP D 58 -12.96 -28.23 14.43
N GLU D 59 -12.22 -28.77 13.48
CA GLU D 59 -11.10 -29.68 13.77
C GLU D 59 -9.81 -28.99 14.25
N MET D 60 -9.77 -27.67 14.19
CA MET D 60 -8.54 -26.92 14.50
C MET D 60 -8.38 -26.66 16.01
N THR D 61 -7.83 -27.65 16.70
CA THR D 61 -7.62 -27.61 18.16
C THR D 61 -6.75 -26.45 18.64
N ASP D 62 -5.84 -25.97 17.80
CA ASP D 62 -4.97 -24.82 18.15
C ASP D 62 -5.72 -23.56 18.58
N ILE D 63 -6.97 -23.43 18.13
CA ILE D 63 -7.71 -22.18 18.24
C ILE D 63 -8.91 -22.30 19.18
N ASN D 64 -9.15 -21.25 19.97
CA ASN D 64 -10.29 -21.19 20.89
C ASN D 64 -11.63 -21.20 20.15
N LYS D 65 -12.63 -21.84 20.74
CA LYS D 65 -13.94 -22.03 20.10
C LYS D 65 -14.62 -20.74 19.64
N VAL D 66 -14.30 -19.63 20.30
CA VAL D 66 -14.84 -18.32 19.90
C VAL D 66 -14.35 -17.94 18.51
N LEU D 67 -13.02 -17.99 18.32
CA LEU D 67 -12.41 -17.64 17.03
C LEU D 67 -12.70 -18.65 15.92
N ARG D 68 -13.03 -19.89 16.29
CA ARG D 68 -13.40 -20.90 15.30
C ARG D 68 -14.80 -20.65 14.73
N GLY D 69 -15.75 -20.36 15.63
CA GLY D 69 -17.10 -19.99 15.22
C GLY D 69 -17.12 -18.68 14.44
N LYS D 70 -16.18 -17.79 14.74
CA LYS D 70 -16.02 -16.52 14.03
C LYS D 70 -15.52 -16.73 12.59
N LEU D 71 -14.64 -17.70 12.38
CA LEU D 71 -14.11 -18.01 11.05
C LEU D 71 -15.18 -18.61 10.12
N LYS D 72 -16.05 -19.45 10.69
CA LYS D 72 -17.18 -20.00 9.94
C LYS D 72 -18.11 -18.91 9.39
N GLU D 73 -18.21 -17.80 10.11
CA GLU D 73 -19.04 -16.67 9.69
C GLU D 73 -18.46 -16.02 8.44
N VAL D 74 -17.17 -15.74 8.47
CA VAL D 74 -16.54 -14.90 7.44
C VAL D 74 -15.71 -15.66 6.40
N ALA D 75 -15.40 -16.94 6.66
CA ALA D 75 -14.45 -17.68 5.82
C ALA D 75 -14.84 -19.12 5.53
N GLU D 76 -14.13 -19.72 4.57
CA GLU D 76 -14.29 -21.12 4.21
C GLU D 76 -13.00 -21.66 3.59
N ILE D 77 -12.87 -22.98 3.55
CA ILE D 77 -11.75 -23.64 2.89
C ILE D 77 -12.34 -24.53 1.80
N ARG D 78 -12.33 -24.03 0.56
CA ARG D 78 -13.05 -24.68 -0.54
C ARG D 78 -12.12 -24.93 -1.72
N ALA D 79 -11.68 -26.18 -1.84
CA ALA D 79 -10.91 -26.62 -3.00
C ALA D 79 -11.89 -27.06 -4.09
N PRO D 80 -11.47 -26.98 -5.36
CA PRO D 80 -12.36 -27.47 -6.42
C PRO D 80 -12.61 -28.98 -6.33
N GLU D 81 -13.78 -29.41 -6.77
CA GLU D 81 -14.19 -30.80 -6.70
C GLU D 81 -13.44 -31.65 -7.71
N VAL D 82 -13.03 -32.85 -7.31
CA VAL D 82 -12.58 -33.86 -8.26
C VAL D 82 -13.82 -34.53 -8.83
N VAL D 83 -13.92 -34.55 -10.15
CA VAL D 83 -15.07 -35.13 -10.85
C VAL D 83 -14.69 -36.37 -11.67
N GLU D 84 -13.40 -36.67 -11.78
CA GLU D 84 -12.96 -37.88 -12.48
C GLU D 84 -11.58 -38.29 -12.03
N GLU D 85 -11.33 -39.59 -12.05
CA GLU D 85 -10.01 -40.13 -11.76
C GLU D 85 -9.70 -41.22 -12.78
N GLN D 86 -8.47 -41.23 -13.27
CA GLN D 86 -8.00 -42.31 -14.15
C GLN D 86 -6.61 -42.73 -13.70
N ARG D 87 -6.35 -44.03 -13.77
CA ARG D 87 -5.09 -44.61 -13.34
C ARG D 87 -4.39 -45.27 -14.51
N SER D 88 -3.13 -44.92 -14.71
CA SER D 88 -2.32 -45.50 -15.77
C SER D 88 -1.69 -46.80 -15.31
N SER D 89 -1.37 -47.67 -16.26
CA SER D 89 -0.62 -48.87 -15.94
C SER D 89 0.77 -48.59 -15.35
N ASP D 90 1.33 -47.41 -15.62
CA ASP D 90 2.65 -47.04 -15.08
C ASP D 90 2.62 -46.32 -13.72
N GLY D 91 1.43 -46.14 -13.15
CA GLY D 91 1.30 -45.52 -11.82
C GLY D 91 0.79 -44.10 -11.82
N THR D 92 0.77 -43.47 -13.00
CA THR D 92 0.29 -42.09 -13.16
C THR D 92 -1.21 -41.99 -12.90
N ILE D 93 -1.62 -40.92 -12.23
CA ILE D 93 -3.04 -40.66 -11.97
C ILE D 93 -3.44 -39.29 -12.50
N LYS D 94 -4.56 -39.23 -13.22
CA LYS D 94 -5.10 -37.97 -13.69
C LYS D 94 -6.48 -37.69 -13.09
N TRP D 95 -6.61 -36.51 -12.48
CA TRP D 95 -7.87 -36.04 -11.92
C TRP D 95 -8.37 -34.87 -12.75
N ALA D 96 -9.66 -34.90 -13.08
CA ALA D 96 -10.34 -33.73 -13.63
C ALA D 96 -10.95 -32.99 -12.46
N ILE D 97 -10.71 -31.67 -12.39
CA ILE D 97 -11.28 -30.85 -11.33
C ILE D 97 -12.32 -29.89 -11.90
N ALA D 98 -13.44 -29.76 -11.20
CA ALA D 98 -14.55 -28.93 -11.66
C ALA D 98 -14.22 -27.48 -11.42
N VAL D 99 -14.34 -26.69 -12.48
CA VAL D 99 -14.07 -25.28 -12.42
C VAL D 99 -15.25 -24.63 -13.13
N GLY D 100 -16.22 -24.18 -12.34
CA GLY D 100 -17.50 -23.73 -12.87
C GLY D 100 -18.13 -24.84 -13.70
N ASP D 101 -18.52 -24.50 -14.92
CA ASP D 101 -19.08 -25.47 -15.86
C ASP D 101 -17.98 -26.19 -16.65
N GLN D 102 -16.73 -25.81 -16.41
CA GLN D 102 -15.59 -26.34 -17.15
C GLN D 102 -14.71 -27.22 -16.28
N ARG D 103 -13.66 -27.77 -16.89
CA ARG D 103 -12.74 -28.67 -16.19
C ARG D 103 -11.29 -28.48 -16.65
N VAL D 104 -10.38 -28.64 -15.69
CA VAL D 104 -8.95 -28.74 -15.97
C VAL D 104 -8.42 -30.00 -15.32
N GLU D 105 -7.19 -30.37 -15.67
CA GLU D 105 -6.61 -31.64 -15.28
C GLU D 105 -5.44 -31.44 -14.32
N THR D 106 -5.24 -32.43 -13.45
CA THR D 106 -4.08 -32.50 -12.58
C THR D 106 -3.51 -33.90 -12.68
N VAL D 107 -2.18 -34.02 -12.70
CA VAL D 107 -1.54 -35.31 -12.97
C VAL D 107 -0.48 -35.61 -11.93
N TYR D 108 -0.62 -36.77 -11.28
CA TYR D 108 0.30 -37.23 -10.24
C TYR D 108 1.24 -38.25 -10.85
N ILE D 109 2.53 -38.10 -10.60
CA ILE D 109 3.55 -38.92 -11.27
C ILE D 109 4.50 -39.54 -10.24
N PRO D 110 4.27 -40.81 -9.88
CA PRO D 110 5.11 -41.47 -8.90
C PRO D 110 6.38 -41.99 -9.54
N GLU D 111 7.52 -41.71 -8.89
CA GLU D 111 8.81 -42.23 -9.31
C GLU D 111 9.37 -42.99 -8.10
N ASP D 112 10.54 -43.61 -8.25
CA ASP D 112 11.12 -44.41 -7.17
C ASP D 112 11.40 -43.59 -5.92
N ASP D 113 12.13 -42.48 -6.10
CA ASP D 113 12.62 -41.69 -4.97
C ASP D 113 11.85 -40.39 -4.73
N ARG D 114 10.82 -40.14 -5.54
CA ARG D 114 10.08 -38.88 -5.47
C ARG D 114 8.69 -39.04 -6.08
N ALA D 115 7.86 -38.02 -5.91
CA ALA D 115 6.54 -38.00 -6.54
C ALA D 115 6.22 -36.57 -6.97
N THR D 116 5.70 -36.43 -8.18
CA THR D 116 5.56 -35.12 -8.81
C THR D 116 4.12 -34.85 -9.23
N LEU D 117 3.67 -33.61 -9.03
CA LEU D 117 2.33 -33.20 -9.48
C LEU D 117 2.42 -32.13 -10.56
N ALA D 118 1.83 -32.42 -11.72
CA ALA D 118 1.71 -31.44 -12.79
C ALA D 118 0.39 -30.70 -12.61
N VAL D 119 0.48 -29.38 -12.52
CA VAL D 119 -0.65 -28.51 -12.19
C VAL D 119 -1.01 -27.61 -13.37
N SER D 120 -2.31 -27.41 -13.58
CA SER D 120 -2.80 -26.49 -14.61
C SER D 120 -2.87 -25.06 -14.09
N SER D 121 -2.64 -24.09 -14.97
CA SER D 121 -2.64 -22.67 -14.65
C SER D 121 -3.77 -21.88 -15.30
N GLN D 122 -4.32 -22.40 -16.40
CA GLN D 122 -5.39 -21.73 -17.13
C GLN D 122 -6.43 -22.73 -17.60
N VAL D 123 -7.63 -22.22 -17.86
CA VAL D 123 -8.70 -23.04 -18.42
C VAL D 123 -8.46 -23.07 -19.92
N GLY D 124 -7.69 -24.06 -20.36
CA GLY D 124 -7.19 -24.12 -21.72
C GLY D 124 -5.90 -23.34 -21.84
N CYS D 125 -5.63 -22.82 -23.03
CA CYS D 125 -4.48 -21.96 -23.27
C CYS D 125 -4.73 -21.16 -24.52
N ALA D 126 -4.17 -19.95 -24.58
CA ALA D 126 -4.39 -19.06 -25.72
C ALA D 126 -3.21 -19.02 -26.68
N LEU D 127 -2.17 -19.81 -26.45
CA LEU D 127 -0.91 -19.67 -27.22
C LEU D 127 -0.80 -20.45 -28.54
N GLU D 128 -1.66 -21.42 -28.77
CA GLU D 128 -1.81 -22.06 -30.10
C GLU D 128 -0.62 -22.92 -30.57
N CYS D 129 0.18 -23.46 -29.66
CA CYS D 129 1.25 -24.39 -30.06
C CYS D 129 0.63 -25.56 -30.83
N LYS D 130 1.19 -25.87 -32.01
CA LYS D 130 0.55 -26.82 -32.94
C LYS D 130 0.63 -28.29 -32.53
N PHE D 131 1.56 -28.62 -31.64
CA PHE D 131 1.78 -30.02 -31.20
C PHE D 131 1.12 -30.34 -29.85
N CYS D 132 0.31 -29.41 -29.33
CA CYS D 132 -0.26 -29.53 -27.99
C CYS D 132 -1.79 -29.69 -28.04
N SER D 133 -2.30 -30.69 -27.33
CA SER D 133 -3.76 -30.90 -27.30
C SER D 133 -4.48 -29.77 -26.59
N THR D 134 -3.88 -29.22 -25.54
CA THR D 134 -4.49 -28.11 -24.81
C THR D 134 -4.82 -26.94 -25.74
N ALA D 135 -3.92 -26.63 -26.67
CA ALA D 135 -4.12 -25.57 -27.66
C ALA D 135 -5.36 -25.80 -28.52
N GLN D 136 -5.60 -27.05 -28.91
CA GLN D 136 -6.75 -27.42 -29.72
C GLN D 136 -8.08 -27.10 -29.01
N GLN D 137 -8.06 -27.00 -27.68
CA GLN D 137 -9.27 -26.70 -26.91
C GLN D 137 -9.58 -25.21 -26.87
N GLY D 138 -8.60 -24.37 -27.15
CA GLY D 138 -8.77 -22.91 -27.06
C GLY D 138 -8.60 -22.42 -25.64
N PHE D 139 -9.13 -21.23 -25.35
CA PHE D 139 -8.91 -20.54 -24.07
C PHE D 139 -10.21 -19.96 -23.52
N ASN D 140 -10.42 -20.10 -22.22
CA ASN D 140 -11.56 -19.50 -21.55
C ASN D 140 -11.15 -18.40 -20.56
N ARG D 141 -10.30 -18.77 -19.59
CA ARG D 141 -9.87 -17.82 -18.57
C ARG D 141 -8.70 -18.36 -17.74
N ASN D 142 -8.14 -17.49 -16.91
CA ASN D 142 -7.15 -17.86 -15.92
C ASN D 142 -7.81 -18.51 -14.70
N LEU D 143 -7.10 -19.44 -14.07
CA LEU D 143 -7.54 -20.05 -12.81
C LEU D 143 -7.20 -19.14 -11.63
N ARG D 144 -8.10 -19.10 -10.64
CA ARG D 144 -7.85 -18.43 -9.38
C ARG D 144 -6.74 -19.11 -8.59
N VAL D 145 -6.19 -18.41 -7.62
CA VAL D 145 -5.20 -18.99 -6.72
C VAL D 145 -5.75 -20.28 -6.10
N SER D 146 -6.97 -20.23 -5.59
CA SER D 146 -7.60 -21.38 -4.94
C SER D 146 -7.73 -22.57 -5.89
N GLU D 147 -7.93 -22.26 -7.17
CA GLU D 147 -8.08 -23.29 -8.20
C GLU D 147 -6.72 -23.92 -8.59
N ILE D 148 -5.63 -23.20 -8.34
CA ILE D 148 -4.29 -23.70 -8.63
C ILE D 148 -3.75 -24.48 -7.42
N ILE D 149 -3.55 -23.81 -6.30
CA ILE D 149 -3.07 -24.48 -5.10
C ILE D 149 -4.05 -25.58 -4.65
N GLY D 150 -5.34 -25.41 -4.95
CA GLY D 150 -6.34 -26.44 -4.69
C GLY D 150 -6.11 -27.76 -5.40
N GLN D 151 -5.47 -27.74 -6.56
CA GLN D 151 -5.07 -28.98 -7.22
C GLN D 151 -4.07 -29.74 -6.34
N VAL D 152 -3.12 -29.01 -5.77
CA VAL D 152 -2.11 -29.61 -4.91
C VAL D 152 -2.77 -30.14 -3.64
N TRP D 153 -3.58 -29.29 -3.02
CA TRP D 153 -4.37 -29.66 -1.82
C TRP D 153 -5.15 -30.93 -2.07
N ARG D 154 -5.89 -30.95 -3.17
CA ARG D 154 -6.78 -32.06 -3.45
C ARG D 154 -5.99 -33.34 -3.76
N ALA D 155 -4.87 -33.20 -4.47
CA ALA D 155 -4.01 -34.35 -4.77
C ALA D 155 -3.33 -34.90 -3.52
N ALA D 156 -2.85 -34.00 -2.66
CA ALA D 156 -2.20 -34.40 -1.40
C ALA D 156 -3.15 -35.18 -0.51
N LYS D 157 -4.41 -34.75 -0.44
CA LYS D 157 -5.42 -35.39 0.38
C LYS D 157 -5.76 -36.78 -0.12
N ILE D 158 -5.96 -36.90 -1.44
CA ILE D 158 -6.31 -38.18 -2.05
C ILE D 158 -5.16 -39.18 -1.95
N VAL D 159 -3.94 -38.71 -2.18
CA VAL D 159 -2.75 -39.54 -2.12
C VAL D 159 -2.43 -39.95 -0.69
N GLY D 160 -2.63 -39.03 0.26
CA GLY D 160 -2.35 -39.29 1.67
C GLY D 160 -3.28 -40.33 2.28
N ALA D 161 -4.55 -40.31 1.89
CA ALA D 161 -5.57 -41.21 2.44
C ALA D 161 -5.29 -42.68 2.08
N ALA D 162 -5.26 -42.96 0.78
CA ALA D 162 -4.95 -44.31 0.30
C ALA D 162 -3.44 -44.55 0.36
N LYS D 163 -2.98 -45.22 1.42
CA LYS D 163 -1.56 -45.51 1.61
C LYS D 163 -1.11 -46.65 0.71
N VAL D 164 -1.01 -46.38 -0.58
CA VAL D 164 -0.67 -47.39 -1.58
C VAL D 164 0.85 -47.57 -1.64
N THR D 165 1.28 -48.78 -1.98
CA THR D 165 2.70 -49.11 -2.10
C THR D 165 3.34 -48.39 -3.31
N GLY D 166 4.41 -47.66 -3.05
CA GLY D 166 5.11 -46.88 -4.09
C GLY D 166 4.43 -45.57 -4.44
N GLN D 167 3.49 -45.13 -3.60
CA GLN D 167 2.72 -43.90 -3.84
C GLN D 167 3.08 -42.87 -2.75
N ARG D 168 4.17 -42.14 -2.99
CA ARG D 168 4.76 -41.21 -2.02
C ARG D 168 3.95 -39.89 -1.99
N PRO D 169 4.02 -39.13 -0.88
CA PRO D 169 3.46 -37.76 -0.89
C PRO D 169 4.19 -36.86 -1.87
N ILE D 170 3.59 -35.73 -2.22
CA ILE D 170 4.14 -34.84 -3.23
C ILE D 170 5.44 -34.20 -2.76
N THR D 171 6.52 -34.45 -3.50
CA THR D 171 7.82 -33.81 -3.25
C THR D 171 8.16 -32.74 -4.28
N ASN D 172 7.58 -32.87 -5.47
CA ASN D 172 7.88 -31.99 -6.59
C ASN D 172 6.59 -31.46 -7.21
N VAL D 173 6.60 -30.22 -7.66
CA VAL D 173 5.50 -29.67 -8.43
C VAL D 173 5.99 -29.04 -9.72
N VAL D 174 5.35 -29.40 -10.83
CA VAL D 174 5.68 -28.82 -12.12
C VAL D 174 4.47 -28.09 -12.68
N MET D 175 4.69 -26.84 -13.10
CA MET D 175 3.66 -26.06 -13.76
C MET D 175 3.69 -26.46 -15.25
N MET D 176 3.18 -27.65 -15.52
CA MET D 176 3.19 -28.23 -16.87
C MET D 176 1.85 -28.83 -17.25
N GLY D 177 0.78 -28.40 -16.59
CA GLY D 177 -0.57 -28.83 -16.93
C GLY D 177 -1.09 -27.95 -18.05
N MET D 178 -2.39 -27.65 -18.00
CA MET D 178 -3.01 -26.80 -19.01
C MET D 178 -2.65 -25.33 -18.78
N GLY D 179 -2.21 -24.66 -19.84
CA GLY D 179 -2.06 -23.20 -19.84
C GLY D 179 -0.65 -22.68 -19.66
N GLU D 180 -0.42 -21.44 -20.10
CA GLU D 180 0.87 -20.75 -19.96
C GLU D 180 0.88 -20.02 -18.62
N PRO D 181 1.76 -20.44 -17.69
CA PRO D 181 1.78 -19.84 -16.34
C PRO D 181 2.12 -18.35 -16.31
N LEU D 182 2.94 -17.88 -17.25
CA LEU D 182 3.38 -16.48 -17.25
C LEU D 182 2.27 -15.51 -17.62
N LEU D 183 1.20 -16.01 -18.23
CA LEU D 183 0.02 -15.20 -18.52
C LEU D 183 -1.00 -15.24 -17.38
N ASN D 184 -0.59 -15.73 -16.21
CA ASN D 184 -1.43 -15.71 -15.02
C ASN D 184 -0.63 -15.51 -13.74
N LEU D 185 0.26 -14.52 -13.75
CA LEU D 185 1.14 -14.23 -12.60
C LEU D 185 0.38 -13.83 -11.34
N ASN D 186 -0.78 -13.19 -11.48
CA ASN D 186 -1.55 -12.76 -10.31
C ASN D 186 -1.89 -13.93 -9.42
N ASN D 187 -2.17 -15.07 -10.03
CA ASN D 187 -2.60 -16.25 -9.32
C ASN D 187 -1.54 -17.33 -9.20
N VAL D 188 -0.70 -17.46 -10.24
CA VAL D 188 0.36 -18.47 -10.22
C VAL D 188 1.36 -18.20 -9.10
N VAL D 189 1.80 -16.96 -8.97
CA VAL D 189 2.85 -16.64 -8.00
C VAL D 189 2.41 -16.92 -6.56
N PRO D 190 1.25 -16.38 -6.14
CA PRO D 190 0.77 -16.70 -4.78
C PRO D 190 0.57 -18.20 -4.52
N ALA D 191 0.14 -18.95 -5.53
CA ALA D 191 -0.04 -20.39 -5.42
C ALA D 191 1.31 -21.06 -5.16
N MET D 192 2.32 -20.65 -5.93
CA MET D 192 3.66 -21.17 -5.75
C MET D 192 4.24 -20.79 -4.39
N GLU D 193 3.95 -19.58 -3.91
CA GLU D 193 4.42 -19.15 -2.60
C GLU D 193 3.90 -20.10 -1.51
N ILE D 194 2.66 -20.55 -1.66
CA ILE D 194 2.05 -21.49 -0.71
C ILE D 194 2.67 -22.88 -0.81
N MET D 195 3.08 -23.28 -2.02
CA MET D 195 3.79 -24.54 -2.19
C MET D 195 5.11 -24.52 -1.44
N LEU D 196 5.83 -23.40 -1.52
CA LEU D 196 7.15 -23.26 -0.89
C LEU D 196 7.11 -22.97 0.60
N ASP D 197 6.02 -22.34 1.06
CA ASP D 197 5.89 -21.91 2.44
C ASP D 197 5.97 -23.07 3.42
N ASP D 198 6.78 -22.90 4.47
CA ASP D 198 6.90 -23.89 5.53
C ASP D 198 5.56 -24.22 6.17
N PHE D 199 4.67 -23.24 6.27
CA PHE D 199 3.34 -23.47 6.83
C PHE D 199 2.34 -23.95 5.78
N GLY D 200 2.75 -23.86 4.51
CA GLY D 200 2.02 -24.47 3.41
C GLY D 200 2.58 -25.85 3.15
N PHE D 201 2.88 -26.16 1.88
CA PHE D 201 3.38 -27.49 1.51
C PHE D 201 4.87 -27.68 1.77
N GLY D 202 5.61 -26.59 1.95
CA GLY D 202 7.02 -26.67 2.34
C GLY D 202 7.95 -27.28 1.30
N LEU D 203 7.56 -27.19 0.04
CA LEU D 203 8.37 -27.75 -1.04
C LEU D 203 9.60 -26.90 -1.29
N SER D 204 10.58 -27.48 -1.97
CA SER D 204 11.81 -26.77 -2.30
C SER D 204 11.65 -25.92 -3.56
N LYS D 205 12.24 -24.73 -3.54
CA LYS D 205 12.56 -23.92 -4.72
C LYS D 205 12.95 -24.75 -5.94
N ARG D 206 13.86 -25.71 -5.70
CA ARG D 206 14.52 -26.44 -6.78
C ARG D 206 13.64 -27.54 -7.37
N ARG D 207 12.56 -27.89 -6.66
CA ARG D 207 11.64 -28.94 -7.10
C ARG D 207 10.23 -28.39 -7.36
N VAL D 208 10.15 -27.07 -7.51
CA VAL D 208 8.97 -26.42 -8.06
C VAL D 208 9.44 -25.79 -9.35
N THR D 209 9.07 -26.37 -10.48
CA THR D 209 9.56 -25.94 -11.78
C THR D 209 8.43 -25.35 -12.62
N LEU D 210 8.61 -24.08 -13.01
CA LEU D 210 7.70 -23.42 -13.92
C LEU D 210 8.21 -23.60 -15.34
N SER D 211 7.33 -24.08 -16.23
CA SER D 211 7.65 -24.21 -17.64
C SER D 211 6.96 -23.10 -18.41
N THR D 212 7.68 -22.48 -19.36
CA THR D 212 7.11 -21.41 -20.18
C THR D 212 7.56 -21.47 -21.64
N SER D 213 6.69 -20.95 -22.50
CA SER D 213 6.94 -20.86 -23.94
C SER D 213 7.59 -19.52 -24.32
N GLY D 214 7.67 -18.58 -23.37
CA GLY D 214 8.49 -17.39 -23.54
C GLY D 214 7.74 -16.09 -23.71
N VAL D 215 7.00 -15.70 -22.67
CA VAL D 215 6.39 -14.38 -22.60
C VAL D 215 7.39 -13.49 -21.87
N VAL D 216 8.37 -12.95 -22.62
CA VAL D 216 9.59 -12.43 -21.99
C VAL D 216 9.40 -11.28 -21.01
N PRO D 217 8.49 -10.32 -21.29
CA PRO D 217 8.25 -9.29 -20.27
C PRO D 217 7.74 -9.88 -18.96
N ALA D 218 6.95 -10.95 -19.05
CA ALA D 218 6.41 -11.61 -17.87
C ALA D 218 7.48 -12.43 -17.14
N LEU D 219 8.45 -12.96 -17.87
CA LEU D 219 9.56 -13.68 -17.25
C LEU D 219 10.41 -12.71 -16.42
N ASP D 220 10.57 -11.48 -16.90
CA ASP D 220 11.26 -10.45 -16.14
C ASP D 220 10.47 -10.11 -14.88
N LYS D 221 9.16 -9.96 -15.00
CA LYS D 221 8.31 -9.74 -13.83
C LYS D 221 8.46 -10.88 -12.82
N LEU D 222 8.44 -12.12 -13.30
CA LEU D 222 8.59 -13.27 -12.42
C LEU D 222 9.83 -13.14 -11.54
N GLY D 223 10.95 -12.77 -12.16
CA GLY D 223 12.21 -12.56 -11.43
C GLY D 223 12.13 -11.59 -10.27
N ASP D 224 11.29 -10.57 -10.38
CA ASP D 224 11.08 -9.60 -9.29
C ASP D 224 10.04 -10.06 -8.25
N MET D 225 9.42 -11.21 -8.47
CA MET D 225 8.33 -11.69 -7.60
C MET D 225 8.66 -12.96 -6.83
N ILE D 226 9.37 -13.91 -7.46
CA ILE D 226 9.65 -15.20 -6.82
C ILE D 226 10.76 -15.96 -7.56
N ASP D 227 11.54 -16.75 -6.82
CA ASP D 227 12.59 -17.59 -7.39
C ASP D 227 12.16 -19.06 -7.38
N VAL D 228 11.96 -19.64 -8.57
CA VAL D 228 11.63 -21.05 -8.71
C VAL D 228 12.42 -21.66 -9.87
N ALA D 229 12.51 -22.99 -9.88
CA ALA D 229 13.17 -23.71 -10.96
C ALA D 229 12.44 -23.40 -12.27
N LEU D 230 13.21 -23.31 -13.36
CA LEU D 230 12.67 -22.86 -14.64
C LEU D 230 13.00 -23.82 -15.76
N ALA D 231 11.98 -24.20 -16.52
CA ALA D 231 12.15 -24.96 -17.74
C ALA D 231 11.62 -24.10 -18.88
N ILE D 232 12.25 -24.17 -20.05
CA ILE D 232 11.75 -23.43 -21.21
C ILE D 232 11.37 -24.34 -22.35
N SER D 233 10.24 -24.03 -22.97
CA SER D 233 9.71 -24.78 -24.09
C SER D 233 10.33 -24.30 -25.39
N LEU D 234 11.57 -24.72 -25.65
CA LEU D 234 12.30 -24.26 -26.83
C LEU D 234 11.79 -24.95 -28.09
N HIS D 235 11.92 -26.28 -28.15
CA HIS D 235 11.34 -27.12 -29.21
C HIS D 235 11.91 -26.93 -30.63
N ALA D 236 12.91 -26.08 -30.81
CA ALA D 236 13.44 -25.83 -32.15
C ALA D 236 14.85 -25.24 -32.10
N PRO D 237 15.67 -25.54 -33.13
CA PRO D 237 17.04 -25.05 -33.18
C PRO D 237 17.18 -23.67 -33.83
N ASN D 238 16.09 -23.15 -34.41
CA ASN D 238 16.13 -21.85 -35.09
C ASN D 238 14.75 -21.21 -35.15
N ASP D 239 14.72 -19.93 -35.52
CA ASP D 239 13.47 -19.16 -35.50
C ASP D 239 12.44 -19.57 -36.55
N GLU D 240 12.88 -20.12 -37.68
CA GLU D 240 11.93 -20.40 -38.76
C GLU D 240 11.09 -21.62 -38.41
N ILE D 241 11.72 -22.65 -37.86
CA ILE D 241 11.01 -23.82 -37.38
C ILE D 241 10.13 -23.47 -36.18
N ARG D 242 10.66 -22.66 -35.27
CA ARG D 242 9.94 -22.31 -34.05
C ARG D 242 8.75 -21.41 -34.32
N ASP D 243 8.86 -20.53 -35.32
CA ASP D 243 7.72 -19.68 -35.71
C ASP D 243 6.51 -20.53 -36.08
N GLU D 244 6.77 -21.66 -36.73
CA GLU D 244 5.71 -22.55 -37.16
C GLU D 244 5.02 -23.28 -36.00
N ILE D 245 5.80 -23.88 -35.12
CA ILE D 245 5.24 -24.79 -34.11
C ILE D 245 4.88 -24.12 -32.79
N VAL D 246 5.62 -23.07 -32.41
CA VAL D 246 5.34 -22.28 -31.22
C VAL D 246 5.17 -20.81 -31.63
N PRO D 247 3.96 -20.44 -32.06
CA PRO D 247 3.72 -19.15 -32.71
C PRO D 247 4.15 -17.90 -31.92
N ILE D 248 4.22 -17.98 -30.60
CA ILE D 248 4.64 -16.82 -29.81
C ILE D 248 6.11 -16.43 -30.07
N ASN D 249 6.89 -17.32 -30.68
CA ASN D 249 8.23 -17.01 -31.15
C ASN D 249 8.29 -15.87 -32.18
N LYS D 250 7.15 -15.59 -32.81
CA LYS D 250 7.04 -14.44 -33.72
C LYS D 250 7.13 -13.12 -32.98
N LYS D 251 6.52 -13.05 -31.79
CA LYS D 251 6.55 -11.85 -30.95
C LYS D 251 7.85 -11.74 -30.12
N TYR D 252 8.37 -12.87 -29.67
CA TYR D 252 9.60 -12.92 -28.88
C TYR D 252 10.47 -14.05 -29.41
N ASN D 253 11.46 -13.72 -30.23
CA ASN D 253 12.28 -14.74 -30.88
C ASN D 253 13.26 -15.43 -29.92
N ILE D 254 13.97 -16.43 -30.42
CA ILE D 254 14.79 -17.27 -29.57
C ILE D 254 15.82 -16.48 -28.76
N GLU D 255 16.54 -15.56 -29.38
CA GLU D 255 17.59 -14.79 -28.67
C GLU D 255 17.02 -13.83 -27.63
N THR D 256 15.87 -13.22 -27.91
CA THR D 256 15.18 -12.39 -26.92
C THR D 256 14.78 -13.23 -25.69
N PHE D 257 14.41 -14.49 -25.94
CA PHE D 257 13.98 -15.42 -24.90
C PHE D 257 15.17 -15.92 -24.10
N LEU D 258 16.20 -16.39 -24.80
CA LEU D 258 17.42 -16.86 -24.13
C LEU D 258 18.07 -15.78 -23.27
N ALA D 259 17.93 -14.52 -23.67
CA ALA D 259 18.48 -13.40 -22.91
C ALA D 259 17.70 -13.19 -21.62
N ALA D 260 16.38 -13.24 -21.72
CA ALA D 260 15.52 -13.15 -20.55
C ALA D 260 15.77 -14.30 -19.57
N VAL D 261 16.04 -15.49 -20.11
CA VAL D 261 16.38 -16.66 -19.29
C VAL D 261 17.66 -16.41 -18.50
N ARG D 262 18.70 -15.94 -19.18
CA ARG D 262 19.98 -15.64 -18.52
C ARG D 262 19.82 -14.59 -17.43
N ARG D 263 18.94 -13.61 -17.65
CA ARG D 263 18.60 -12.64 -16.61
C ARG D 263 17.98 -13.32 -15.39
N TYR D 264 17.07 -14.26 -15.62
CA TYR D 264 16.42 -14.99 -14.53
C TYR D 264 17.43 -15.83 -13.75
N LEU D 265 18.33 -16.49 -14.47
CA LEU D 265 19.34 -17.36 -13.87
C LEU D 265 20.34 -16.61 -12.97
N GLU D 266 20.59 -15.34 -13.29
CA GLU D 266 21.56 -14.52 -12.54
C GLU D 266 21.09 -14.28 -11.10
N LYS D 267 19.77 -14.15 -10.91
CA LYS D 267 19.18 -13.93 -9.59
C LYS D 267 18.81 -15.22 -8.84
N SER D 268 19.02 -16.38 -9.46
CA SER D 268 18.35 -17.60 -9.01
C SER D 268 19.24 -18.59 -8.25
N ASN D 269 18.86 -18.89 -7.01
CA ASN D 269 19.40 -20.03 -6.30
C ASN D 269 18.69 -21.32 -6.73
N ALA D 270 17.39 -21.22 -6.97
CA ALA D 270 16.55 -22.36 -7.37
C ALA D 270 17.07 -23.12 -8.60
N ASN D 271 17.56 -22.38 -9.59
CA ASN D 271 18.05 -22.99 -10.82
C ASN D 271 19.51 -23.46 -10.77
N GLN D 272 20.24 -23.06 -9.74
CA GLN D 272 21.63 -23.49 -9.57
C GLN D 272 22.46 -23.30 -10.84
N GLY D 273 22.28 -22.17 -11.51
CA GLY D 273 23.01 -21.85 -12.73
C GLY D 273 22.54 -22.47 -14.03
N ARG D 274 21.55 -23.36 -14.00
CA ARG D 274 21.09 -24.08 -15.20
C ARG D 274 19.58 -23.96 -15.41
N VAL D 275 19.20 -23.57 -16.62
CA VAL D 275 17.82 -23.69 -17.07
C VAL D 275 17.64 -25.06 -17.69
N THR D 276 16.42 -25.60 -17.65
CA THR D 276 16.10 -26.84 -18.37
C THR D 276 15.53 -26.47 -19.73
N ILE D 277 16.08 -27.09 -20.78
CA ILE D 277 15.61 -26.87 -22.14
C ILE D 277 14.66 -27.99 -22.51
N GLU D 278 13.38 -27.66 -22.69
CA GLU D 278 12.39 -28.63 -23.12
C GLU D 278 12.36 -28.66 -24.65
N TYR D 279 12.39 -29.87 -25.20
CA TYR D 279 12.51 -30.05 -26.65
C TYR D 279 11.71 -31.26 -27.08
N VAL D 280 10.61 -31.00 -27.78
CA VAL D 280 9.66 -32.06 -28.14
C VAL D 280 10.16 -32.63 -29.45
N MET D 281 10.17 -33.96 -29.55
CA MET D 281 10.76 -34.64 -30.69
C MET D 281 9.69 -35.00 -31.71
N LEU D 282 9.57 -34.15 -32.71
CA LEU D 282 8.63 -34.30 -33.82
C LEU D 282 9.29 -34.95 -35.03
N ASP D 283 8.78 -36.11 -35.44
CA ASP D 283 9.34 -36.89 -36.55
C ASP D 283 9.57 -36.09 -37.83
N HIS D 284 10.84 -36.03 -38.25
CA HIS D 284 11.26 -35.33 -39.48
C HIS D 284 10.85 -33.86 -39.54
N VAL D 285 10.80 -33.20 -38.39
CA VAL D 285 10.49 -31.76 -38.33
C VAL D 285 11.63 -31.00 -37.66
N ASN D 286 11.99 -31.44 -36.45
CA ASN D 286 13.03 -30.79 -35.65
C ASN D 286 13.96 -31.80 -35.00
N ASP D 287 13.99 -32.99 -35.57
N ASP D 287 13.97 -33.03 -35.49
CA ASP D 287 14.49 -34.18 -34.89
CA ASP D 287 14.60 -34.15 -34.79
C ASP D 287 15.70 -34.82 -35.59
C ASP D 287 15.78 -34.79 -35.54
N GLY D 288 16.20 -34.18 -36.64
CA GLY D 288 17.35 -34.68 -37.39
C GLY D 288 18.70 -34.39 -36.75
N THR D 289 19.72 -35.13 -37.15
CA THR D 289 21.09 -34.89 -36.68
C THR D 289 21.54 -33.47 -37.02
N GLU D 290 21.19 -32.99 -38.22
CA GLU D 290 21.42 -31.60 -38.61
C GLU D 290 20.92 -30.62 -37.53
N HIS D 291 19.72 -30.88 -37.01
CA HIS D 291 19.07 -29.98 -36.05
C HIS D 291 19.77 -30.00 -34.69
N ALA D 292 20.22 -31.16 -34.27
CA ALA D 292 21.00 -31.28 -33.02
C ALA D 292 22.28 -30.45 -33.05
N HIS D 293 23.01 -30.49 -34.17
CA HIS D 293 24.22 -29.68 -34.32
C HIS D 293 23.87 -28.19 -34.19
N GLN D 294 22.83 -27.77 -34.89
CA GLN D 294 22.38 -26.38 -34.82
C GLN D 294 21.92 -25.98 -33.41
N LEU D 295 21.24 -26.90 -32.72
CA LEU D 295 20.79 -26.67 -31.34
C LEU D 295 21.98 -26.53 -30.38
N ALA D 296 23.00 -27.37 -30.57
CA ALA D 296 24.21 -27.28 -29.74
C ALA D 296 24.87 -25.91 -29.87
N GLU D 297 25.01 -25.45 -31.12
CA GLU D 297 25.53 -24.12 -31.40
C GLU D 297 24.68 -23.03 -30.76
N LEU D 298 23.37 -23.16 -30.89
CA LEU D 298 22.42 -22.18 -30.35
C LEU D 298 22.55 -21.99 -28.83
N LEU D 299 22.75 -23.09 -28.11
CA LEU D 299 22.77 -23.09 -26.64
C LEU D 299 24.16 -22.92 -26.01
N LYS D 300 25.19 -22.68 -26.82
CA LYS D 300 26.57 -22.63 -26.31
C LYS D 300 26.83 -21.53 -25.26
N ASP D 301 26.06 -20.45 -25.30
CA ASP D 301 26.18 -19.36 -24.32
C ASP D 301 25.09 -19.35 -23.24
N THR D 302 24.32 -20.43 -23.13
CA THR D 302 23.24 -20.51 -22.14
C THR D 302 23.40 -21.79 -21.29
N PRO D 303 23.90 -21.64 -20.05
CA PRO D 303 24.13 -22.83 -19.22
C PRO D 303 22.81 -23.55 -18.92
N CYS D 304 22.78 -24.86 -19.19
CA CYS D 304 21.53 -25.56 -19.27
C CYS D 304 21.66 -27.06 -19.14
N LYS D 305 20.50 -27.70 -19.05
CA LYS D 305 20.36 -29.15 -19.20
C LYS D 305 19.24 -29.37 -20.20
N ILE D 306 19.42 -30.35 -21.09
CA ILE D 306 18.48 -30.57 -22.17
C ILE D 306 17.56 -31.73 -21.84
N ASN D 307 16.25 -31.50 -21.95
CA ASN D 307 15.24 -32.52 -21.71
C ASN D 307 14.45 -32.81 -22.99
N LEU D 308 14.78 -33.91 -23.65
CA LEU D 308 14.10 -34.29 -24.89
C LEU D 308 12.76 -34.97 -24.56
N ILE D 309 11.69 -34.54 -25.23
CA ILE D 309 10.34 -35.05 -24.94
C ILE D 309 9.77 -35.77 -26.17
N PRO D 310 9.69 -37.10 -26.13
CA PRO D 310 9.01 -37.79 -27.23
C PRO D 310 7.57 -37.31 -27.38
N TRP D 311 7.16 -37.02 -28.61
CA TRP D 311 5.87 -36.39 -28.82
C TRP D 311 4.72 -37.34 -28.47
N ASN D 312 3.77 -36.81 -27.69
CA ASN D 312 2.62 -37.58 -27.28
C ASN D 312 1.47 -37.18 -28.16
N PRO D 313 0.84 -38.14 -28.85
CA PRO D 313 -0.18 -37.79 -29.85
C PRO D 313 -1.51 -37.32 -29.26
N PHE D 314 -2.32 -36.69 -30.11
CA PHE D 314 -3.68 -36.28 -29.76
C PHE D 314 -4.49 -36.28 -31.06
N PRO D 315 -5.84 -36.29 -30.95
CA PRO D 315 -6.69 -36.48 -32.14
C PRO D 315 -6.51 -35.40 -33.19
N GLY D 316 -6.25 -35.82 -34.43
CA GLY D 316 -6.12 -34.89 -35.56
C GLY D 316 -4.79 -34.16 -35.70
N ALA D 317 -3.81 -34.48 -34.86
CA ALA D 317 -2.50 -33.81 -34.93
C ALA D 317 -1.77 -34.19 -36.22
N PRO D 318 -1.19 -33.21 -36.91
CA PRO D 318 -0.45 -33.49 -38.15
C PRO D 318 1.02 -33.88 -37.93
N TYR D 319 1.35 -34.47 -36.78
CA TYR D 319 2.72 -34.88 -36.49
C TYR D 319 2.80 -36.35 -36.14
N GLY D 320 4.02 -36.87 -36.11
CA GLY D 320 4.31 -38.20 -35.61
C GLY D 320 5.40 -38.13 -34.55
N ARG D 321 5.46 -39.14 -33.70
CA ARG D 321 6.51 -39.26 -32.69
C ARG D 321 7.82 -39.66 -33.36
N SER D 322 8.91 -39.04 -32.95
CA SER D 322 10.23 -39.44 -33.42
C SER D 322 10.51 -40.85 -32.94
N SER D 323 11.01 -41.70 -33.84
CA SER D 323 11.38 -43.06 -33.47
C SER D 323 12.48 -43.03 -32.42
N ASN D 324 12.62 -44.13 -31.69
CA ASN D 324 13.58 -44.20 -30.61
C ASN D 324 15.02 -44.08 -31.11
N SER D 325 15.28 -44.59 -32.31
CA SER D 325 16.62 -44.51 -32.90
C SER D 325 16.96 -43.09 -33.33
N ARG D 326 16.00 -42.37 -33.91
CA ARG D 326 16.20 -40.95 -34.25
C ARG D 326 16.43 -40.11 -32.99
N ILE D 327 15.66 -40.37 -31.93
CA ILE D 327 15.85 -39.65 -30.67
C ILE D 327 17.24 -39.96 -30.10
N ASP D 328 17.59 -41.25 -30.09
CA ASP D 328 18.87 -41.69 -29.55
C ASP D 328 20.05 -40.98 -30.24
N ARG D 329 20.04 -40.95 -31.57
CA ARG D 329 21.11 -40.31 -32.33
C ARG D 329 21.16 -38.80 -32.06
N PHE D 330 19.99 -38.19 -31.92
CA PHE D 330 19.89 -36.76 -31.60
C PHE D 330 20.59 -36.44 -30.28
N SER D 331 20.33 -37.28 -29.27
CA SER D 331 20.90 -37.07 -27.95
C SER D 331 22.39 -37.40 -27.91
N LYS D 332 22.82 -38.43 -28.63
CA LYS D 332 24.24 -38.77 -28.76
C LYS D 332 25.01 -37.55 -29.26
N VAL D 333 24.50 -36.90 -30.31
CA VAL D 333 25.11 -35.68 -30.83
C VAL D 333 25.23 -34.64 -29.73
N LEU D 334 24.13 -34.32 -29.06
CA LEU D 334 24.13 -33.32 -27.99
C LEU D 334 25.14 -33.64 -26.89
N MET D 335 25.24 -34.91 -26.52
CA MET D 335 26.17 -35.36 -25.48
C MET D 335 27.63 -35.20 -25.90
N SER D 336 27.90 -35.26 -27.20
CA SER D 336 29.24 -35.06 -27.74
C SER D 336 29.65 -33.58 -27.67
N TYR D 337 28.68 -32.69 -27.55
CA TYR D 337 28.97 -31.27 -27.28
C TYR D 337 29.03 -30.93 -25.78
N GLY D 338 28.98 -31.95 -24.92
CA GLY D 338 29.07 -31.73 -23.47
C GLY D 338 27.78 -31.41 -22.71
N PHE D 339 26.63 -31.49 -23.37
CA PHE D 339 25.36 -31.17 -22.72
C PHE D 339 24.80 -32.35 -21.93
N THR D 340 24.37 -32.11 -20.70
CA THR D 340 23.51 -33.06 -20.01
C THR D 340 22.22 -33.19 -20.83
N THR D 341 21.90 -34.40 -21.23
CA THR D 341 20.77 -34.64 -22.13
C THR D 341 19.95 -35.82 -21.62
N ILE D 342 18.68 -35.58 -21.31
CA ILE D 342 17.81 -36.60 -20.75
C ILE D 342 16.54 -36.75 -21.58
N VAL D 343 16.19 -37.98 -21.91
CA VAL D 343 14.90 -38.25 -22.52
C VAL D 343 13.85 -38.33 -21.41
N ARG D 344 12.82 -37.50 -21.52
CA ARG D 344 11.70 -37.56 -20.59
C ARG D 344 10.90 -38.84 -20.81
N LYS D 345 10.90 -39.72 -19.82
CA LYS D 345 10.08 -40.92 -19.90
C LYS D 345 8.61 -40.51 -20.04
N THR D 346 7.90 -41.20 -20.93
CA THR D 346 6.49 -40.94 -21.16
C THR D 346 5.66 -41.53 -20.03
N ARG D 347 4.95 -40.67 -19.29
CA ARG D 347 4.15 -41.11 -18.15
C ARG D 347 2.66 -40.86 -18.40
N GLY D 348 1.87 -41.92 -18.33
CA GLY D 348 0.41 -41.81 -18.34
C GLY D 348 -0.23 -41.56 -19.69
N ASP D 349 0.42 -41.96 -20.78
CA ASP D 349 -0.13 -41.74 -22.12
C ASP D 349 -1.31 -42.67 -22.45
N ASP D 350 -1.47 -43.74 -21.69
CA ASP D 350 -2.64 -44.62 -21.84
C ASP D 350 -3.96 -43.97 -21.37
N ILE D 351 -3.86 -42.90 -20.59
CA ILE D 351 -5.03 -42.16 -20.11
C ILE D 351 -4.98 -40.69 -20.52
N ASP D 352 -4.33 -40.39 -21.63
CA ASP D 352 -4.15 -39.02 -22.10
C ASP D 352 -3.67 -38.07 -20.99
N ALA D 353 -2.71 -38.53 -20.20
CA ALA D 353 -2.12 -37.73 -19.13
C ALA D 353 -0.66 -37.32 -19.40
N ALA D 354 -0.08 -37.78 -20.52
CA ALA D 354 1.28 -37.41 -20.89
C ALA D 354 1.34 -35.93 -21.22
N GLY D 356 1.27 -32.49 -22.73
CA GLY D 356 0.61 -32.04 -23.95
C GLY D 356 -0.72 -32.69 -24.32
N GLN D 357 -1.16 -33.70 -23.56
CA GLN D 357 -2.42 -34.42 -23.87
C GLN D 357 -3.62 -33.96 -23.03
N LEU D 358 -3.42 -32.93 -22.21
CA LEU D 358 -4.46 -32.47 -21.30
C LEU D 358 -5.49 -31.60 -22.03
N ALA D 359 -6.64 -32.20 -22.32
CA ALA D 359 -7.71 -31.51 -23.03
C ALA D 359 -8.71 -30.84 -22.08
N GLY D 360 -8.93 -31.45 -20.91
CA GLY D 360 -9.92 -30.96 -19.97
C GLY D 360 -11.32 -30.85 -20.58
N ASP D 361 -12.05 -29.82 -20.19
CA ASP D 361 -13.37 -29.54 -20.76
C ASP D 361 -13.52 -28.03 -20.78
N VAL D 362 -13.27 -27.45 -21.95
CA VAL D 362 -13.07 -26.01 -22.06
C VAL D 362 -14.13 -25.42 -22.97
N ILE D 363 -14.62 -24.25 -22.60
CA ILE D 363 -15.50 -23.46 -23.44
C ILE D 363 -14.63 -22.35 -24.02
N ASP D 364 -14.24 -22.51 -25.28
CA ASP D 364 -13.39 -21.53 -25.94
C ASP D 364 -14.10 -20.19 -26.12
N ARG D 365 -13.46 -19.12 -25.66
CA ARG D 365 -13.98 -17.76 -25.83
C ARG D 365 -13.31 -17.02 -26.99
N THR D 366 -12.28 -17.61 -27.60
CA THR D 366 -11.51 -16.94 -28.67
C THR D 366 -12.03 -17.23 -30.08
N LYS D 367 -13.19 -17.88 -30.19
CA LYS D 367 -13.79 -18.22 -31.48
C LYS D 367 -12.82 -18.92 -32.42
N ARG D 368 -12.03 -19.83 -31.84
CA ARG D 368 -11.02 -20.57 -32.61
C ARG D 368 -11.67 -21.50 -33.63
N THR D 369 -12.83 -22.06 -33.30
CA THR D 369 -13.55 -22.97 -34.19
C THR D 369 -14.11 -22.22 -35.39
N LEU D 370 -14.80 -21.11 -35.15
CA LEU D 370 -15.40 -20.31 -36.22
C LEU D 370 -14.34 -19.58 -37.06
N ARG D 371 -13.16 -19.36 -36.49
CA ARG D 371 -12.01 -18.85 -37.25
C ARG D 371 -11.44 -19.92 -38.16
N LYS D 372 -11.36 -21.16 -37.66
CA LYS D 372 -10.78 -22.28 -38.42
C LYS D 372 -11.50 -22.51 -39.75
N ARG D 373 -12.84 -22.55 -39.73
CA ARG D 373 -13.64 -22.78 -40.93
C ARG D 373 -13.59 -21.62 -41.93
N MET D 374 -13.32 -20.41 -41.45
CA MET D 374 -13.12 -19.23 -42.31
C MET D 374 -11.66 -19.05 -42.73
N GLN D 375 -10.80 -20.02 -42.38
CA GLN D 375 -9.43 -20.10 -42.90
C GLN D 375 -8.61 -18.86 -42.55
#